data_2NCT
#
_entry.id   2NCT
#
_entity_poly.entity_id   1
_entity_poly.type   'polypeptide(L)'
_entity_poly.pdbx_seq_one_letter_code
;KKKKDKWASLWNWFDITNWLWYIKLFIMIVGKKKKK
;
_entity_poly.pdbx_strand_id   A
#
# COMPACT_ATOMS: atom_id res chain seq x y z
N LYS A 1 -13.40 -8.98 -0.32
CA LYS A 1 -13.57 -10.28 -0.95
C LYS A 1 -14.96 -10.84 -0.70
N LYS A 2 -15.24 -11.18 0.55
CA LYS A 2 -16.53 -11.73 0.94
C LYS A 2 -17.60 -10.64 0.95
N LYS A 3 -18.79 -10.99 1.41
CA LYS A 3 -19.90 -10.03 1.48
C LYS A 3 -20.29 -9.56 0.08
N LYS A 4 -21.41 -8.84 -0.01
CA LYS A 4 -21.88 -8.32 -1.28
C LYS A 4 -20.87 -7.36 -1.89
N ASP A 5 -21.19 -6.85 -3.08
CA ASP A 5 -20.30 -5.92 -3.78
C ASP A 5 -18.91 -6.51 -3.93
N LYS A 6 -18.70 -7.23 -5.05
CA LYS A 6 -17.41 -7.85 -5.32
C LYS A 6 -16.45 -6.84 -5.94
N TRP A 7 -17.00 -5.85 -6.62
CA TRP A 7 -16.19 -4.83 -7.27
C TRP A 7 -15.73 -3.77 -6.27
N ALA A 8 -16.59 -3.49 -5.29
CA ALA A 8 -16.26 -2.51 -4.25
C ALA A 8 -14.97 -2.87 -3.54
N SER A 9 -14.81 -4.15 -3.22
CA SER A 9 -13.62 -4.62 -2.53
C SER A 9 -12.38 -4.46 -3.40
N LEU A 10 -12.54 -4.73 -4.70
CA LEU A 10 -11.44 -4.62 -5.64
C LEU A 10 -11.08 -3.15 -5.89
N TRP A 11 -12.08 -2.29 -5.83
CA TRP A 11 -11.87 -0.86 -6.04
C TRP A 11 -10.96 -0.27 -4.97
N ASN A 12 -11.10 -0.77 -3.75
CA ASN A 12 -10.29 -0.29 -2.63
C ASN A 12 -8.86 -0.83 -2.73
N TRP A 13 -8.73 -2.05 -3.24
CA TRP A 13 -7.42 -2.68 -3.39
C TRP A 13 -6.50 -1.83 -4.27
N PHE A 14 -7.12 -0.98 -5.10
CA PHE A 14 -6.36 -0.11 -6.00
C PHE A 14 -5.28 0.66 -5.23
N ASP A 15 -5.71 1.43 -4.23
CA ASP A 15 -4.79 2.22 -3.41
C ASP A 15 -3.73 1.32 -2.79
N ILE A 16 -4.14 0.13 -2.37
CA ILE A 16 -3.22 -0.82 -1.74
C ILE A 16 -2.21 -1.34 -2.76
N THR A 17 -2.61 -1.39 -4.02
CA THR A 17 -1.74 -1.87 -5.08
C THR A 17 -0.41 -1.12 -5.09
N ASN A 18 -0.48 0.21 -5.04
CA ASN A 18 0.71 1.04 -5.04
C ASN A 18 1.29 1.18 -3.63
N TRP A 19 0.41 1.04 -2.63
CA TRP A 19 0.83 1.15 -1.25
C TRP A 19 1.95 0.17 -0.93
N LEU A 20 1.81 -1.06 -1.41
CA LEU A 20 2.82 -2.08 -1.19
C LEU A 20 4.17 -1.67 -1.78
N TRP A 21 4.12 -0.85 -2.82
CA TRP A 21 5.33 -0.37 -3.48
C TRP A 21 5.94 0.79 -2.72
N TYR A 22 5.10 1.53 -2.00
CA TYR A 22 5.55 2.67 -1.22
C TYR A 22 6.18 2.24 0.10
N ILE A 23 5.56 1.25 0.74
CA ILE A 23 6.05 0.73 2.00
C ILE A 23 7.45 0.14 1.86
N LYS A 24 7.77 -0.31 0.65
CA LYS A 24 9.08 -0.89 0.36
C LYS A 24 10.14 0.19 0.27
N LEU A 25 9.94 1.13 -0.66
CA LEU A 25 10.89 2.23 -0.85
C LEU A 25 10.98 3.09 0.39
N PHE A 26 9.85 3.31 1.04
CA PHE A 26 9.80 4.13 2.25
C PHE A 26 10.82 3.65 3.28
N ILE A 27 10.67 2.41 3.71
CA ILE A 27 11.58 1.82 4.70
C ILE A 27 13.02 1.85 4.18
N MET A 28 13.18 1.80 2.87
CA MET A 28 14.51 1.84 2.26
C MET A 28 15.16 3.20 2.42
N ILE A 29 14.33 4.25 2.35
CA ILE A 29 14.82 5.62 2.49
C ILE A 29 15.10 5.95 3.96
N VAL A 30 14.24 5.45 4.85
CA VAL A 30 14.39 5.71 6.27
C VAL A 30 15.69 5.10 6.80
N GLY A 31 15.92 3.83 6.48
CA GLY A 31 17.13 3.16 6.92
C GLY A 31 18.40 3.86 6.45
N LYS A 32 18.44 4.16 5.15
CA LYS A 32 19.60 4.83 4.57
C LYS A 32 19.92 6.12 5.33
N LYS A 33 18.94 7.01 5.40
CA LYS A 33 19.11 8.28 6.10
C LYS A 33 19.60 8.06 7.52
N LYS A 34 19.17 6.96 8.13
CA LYS A 34 19.56 6.64 9.49
C LYS A 34 21.08 6.57 9.62
N LYS A 35 21.74 6.22 8.53
CA LYS A 35 23.21 6.13 8.52
C LYS A 35 23.69 5.11 9.55
N LYS A 36 25.00 4.88 9.57
CA LYS A 36 25.59 3.93 10.50
C LYS A 36 26.06 4.64 11.77
N LYS A 1 -23.36 -10.18 5.63
CA LYS A 1 -22.18 -9.32 5.49
C LYS A 1 -20.91 -10.17 5.33
N LYS A 2 -20.55 -10.44 4.08
CA LYS A 2 -19.36 -11.22 3.78
C LYS A 2 -19.03 -11.17 2.29
N LYS A 3 -19.90 -11.78 1.48
CA LYS A 3 -19.70 -11.80 0.04
C LYS A 3 -20.22 -10.52 -0.60
N LYS A 4 -21.26 -9.95 -0.01
CA LYS A 4 -21.85 -8.71 -0.52
C LYS A 4 -20.78 -7.62 -0.66
N ASP A 5 -21.00 -6.72 -1.61
CA ASP A 5 -20.06 -5.62 -1.84
C ASP A 5 -18.68 -6.15 -2.21
N LYS A 6 -18.62 -6.98 -3.25
CA LYS A 6 -17.36 -7.56 -3.71
C LYS A 6 -16.58 -6.55 -4.55
N TRP A 7 -17.30 -5.67 -5.24
CA TRP A 7 -16.67 -4.66 -6.07
C TRP A 7 -16.09 -3.53 -5.23
N ALA A 8 -16.73 -3.24 -4.11
CA ALA A 8 -16.28 -2.18 -3.22
C ALA A 8 -14.82 -2.40 -2.82
N SER A 9 -14.47 -3.65 -2.56
CA SER A 9 -13.10 -3.99 -2.16
C SER A 9 -12.16 -3.98 -3.37
N LEU A 10 -12.68 -4.41 -4.52
CA LEU A 10 -11.90 -4.46 -5.74
C LEU A 10 -11.32 -3.08 -6.06
N TRP A 11 -12.18 -2.08 -6.10
CA TRP A 11 -11.75 -0.71 -6.40
C TRP A 11 -10.79 -0.20 -5.33
N ASN A 12 -10.90 -0.75 -4.12
CA ASN A 12 -10.04 -0.35 -3.02
C ASN A 12 -8.64 -0.90 -3.20
N TRP A 13 -8.53 -2.05 -3.86
CA TRP A 13 -7.25 -2.68 -4.09
C TRP A 13 -6.31 -1.75 -4.87
N PHE A 14 -6.90 -0.78 -5.57
CA PHE A 14 -6.12 0.17 -6.36
C PHE A 14 -5.03 0.80 -5.51
N ASP A 15 -5.43 1.45 -4.42
CA ASP A 15 -4.48 2.10 -3.52
C ASP A 15 -3.44 1.10 -3.01
N ILE A 16 -3.88 -0.11 -2.75
CA ILE A 16 -2.98 -1.16 -2.25
C ILE A 16 -1.99 -1.58 -3.33
N THR A 17 -2.40 -1.45 -4.59
CA THR A 17 -1.54 -1.81 -5.71
C THR A 17 -0.20 -1.10 -5.63
N ASN A 18 -0.24 0.21 -5.45
CA ASN A 18 0.99 1.01 -5.35
C ASN A 18 1.53 0.99 -3.93
N TRP A 19 0.65 0.78 -2.96
CA TRP A 19 1.05 0.74 -1.55
C TRP A 19 2.20 -0.24 -1.35
N LEU A 20 2.01 -1.47 -1.82
CA LEU A 20 3.03 -2.51 -1.67
C LEU A 20 4.37 -2.04 -2.25
N TRP A 21 4.30 -1.17 -3.26
CA TRP A 21 5.50 -0.63 -3.89
C TRP A 21 6.08 0.52 -3.08
N TYR A 22 5.22 1.23 -2.37
CA TYR A 22 5.65 2.36 -1.55
C TYR A 22 6.28 1.88 -0.24
N ILE A 23 5.69 0.83 0.34
CA ILE A 23 6.19 0.28 1.59
C ILE A 23 7.61 -0.26 1.42
N LYS A 24 7.97 -0.62 0.20
CA LYS A 24 9.29 -1.13 -0.09
C LYS A 24 10.32 0.00 -0.13
N LEU A 25 10.10 0.97 -1.00
CA LEU A 25 11.01 2.11 -1.13
C LEU A 25 11.04 2.93 0.16
N PHE A 26 9.88 3.05 0.80
CA PHE A 26 9.78 3.81 2.05
C PHE A 26 10.82 3.33 3.06
N ILE A 27 10.70 2.06 3.47
CA ILE A 27 11.62 1.48 4.43
C ILE A 27 13.07 1.61 3.95
N MET A 28 13.25 1.66 2.63
CA MET A 28 14.57 1.78 2.05
C MET A 28 15.15 3.18 2.27
N ILE A 29 14.28 4.19 2.20
CA ILE A 29 14.70 5.56 2.41
C ILE A 29 14.89 5.88 3.89
N VAL A 30 14.02 5.32 4.72
CA VAL A 30 14.09 5.53 6.16
C VAL A 30 15.46 5.15 6.70
N GLY A 31 15.96 3.99 6.29
CA GLY A 31 17.25 3.53 6.74
C GLY A 31 18.35 4.55 6.49
N LYS A 32 18.31 5.18 5.32
CA LYS A 32 19.31 6.18 4.96
C LYS A 32 19.35 7.31 5.99
N LYS A 33 18.20 7.58 6.60
CA LYS A 33 18.11 8.63 7.61
C LYS A 33 18.50 8.10 8.99
N LYS A 34 18.18 6.83 9.24
CA LYS A 34 18.49 6.20 10.51
C LYS A 34 20.01 6.09 10.71
N LYS A 35 20.70 5.69 9.64
CA LYS A 35 22.16 5.55 9.70
C LYS A 35 22.83 6.89 9.96
N LYS A 36 23.79 6.90 10.88
CA LYS A 36 24.51 8.12 11.22
C LYS A 36 23.55 9.21 11.69
N LYS A 1 -19.79 4.03 3.76
CA LYS A 1 -20.35 2.86 3.08
C LYS A 1 -21.79 3.13 2.66
N LYS A 2 -22.04 3.01 1.36
CA LYS A 2 -23.38 3.23 0.83
C LYS A 2 -23.86 2.02 0.03
N LYS A 3 -22.98 1.51 -0.82
CA LYS A 3 -23.31 0.34 -1.65
C LYS A 3 -22.29 -0.78 -1.44
N LYS A 4 -22.30 -1.36 -0.25
CA LYS A 4 -21.38 -2.45 0.09
C LYS A 4 -21.54 -3.61 -0.89
N ASP A 5 -20.43 -4.21 -1.28
CA ASP A 5 -20.44 -5.34 -2.21
C ASP A 5 -19.06 -5.97 -2.33
N LYS A 6 -18.95 -7.00 -3.16
CA LYS A 6 -17.69 -7.69 -3.36
C LYS A 6 -16.83 -6.95 -4.39
N TRP A 7 -17.46 -6.54 -5.49
CA TRP A 7 -16.75 -5.83 -6.55
C TRP A 7 -16.21 -4.49 -6.05
N ALA A 8 -16.95 -3.87 -5.13
CA ALA A 8 -16.53 -2.59 -4.57
C ALA A 8 -15.17 -2.71 -3.88
N SER A 9 -15.04 -3.72 -3.03
CA SER A 9 -13.80 -3.94 -2.30
C SER A 9 -12.63 -4.14 -3.26
N LEU A 10 -12.94 -4.67 -4.44
CA LEU A 10 -11.92 -4.91 -5.46
C LEU A 10 -11.27 -3.60 -5.91
N TRP A 11 -12.09 -2.62 -6.20
CA TRP A 11 -11.61 -1.31 -6.65
C TRP A 11 -10.69 -0.69 -5.60
N ASN A 12 -11.01 -0.92 -4.32
CA ASN A 12 -10.21 -0.39 -3.23
C ASN A 12 -8.77 -0.87 -3.32
N TRP A 13 -8.58 -2.06 -3.90
CA TRP A 13 -7.25 -2.63 -4.04
C TRP A 13 -6.34 -1.70 -4.84
N PHE A 14 -6.94 -0.82 -5.63
CA PHE A 14 -6.18 0.12 -6.44
C PHE A 14 -5.16 0.87 -5.59
N ASP A 15 -5.64 1.56 -4.56
CA ASP A 15 -4.77 2.32 -3.67
C ASP A 15 -3.70 1.42 -3.06
N ILE A 16 -4.08 0.19 -2.73
CA ILE A 16 -3.17 -0.77 -2.13
C ILE A 16 -2.10 -1.20 -3.14
N THR A 17 -2.45 -1.17 -4.42
CA THR A 17 -1.54 -1.56 -5.48
C THR A 17 -0.23 -0.78 -5.39
N ASN A 18 -0.35 0.55 -5.31
CA ASN A 18 0.82 1.41 -5.21
C ASN A 18 1.36 1.45 -3.78
N TRP A 19 0.47 1.24 -2.81
CA TRP A 19 0.87 1.25 -1.41
C TRP A 19 2.03 0.30 -1.17
N LEU A 20 1.93 -0.91 -1.70
CA LEU A 20 2.98 -1.91 -1.53
C LEU A 20 4.31 -1.40 -2.08
N TRP A 21 4.24 -0.48 -3.03
CA TRP A 21 5.43 0.09 -3.64
C TRP A 21 6.03 1.18 -2.75
N TYR A 22 5.16 1.85 -1.99
CA TYR A 22 5.60 2.92 -1.10
C TYR A 22 6.23 2.35 0.16
N ILE A 23 5.62 1.30 0.71
CA ILE A 23 6.12 0.66 1.91
C ILE A 23 7.51 0.07 1.68
N LYS A 24 7.81 -0.26 0.43
CA LYS A 24 9.11 -0.82 0.07
C LYS A 24 10.19 0.25 0.09
N LEU A 25 10.00 1.27 -0.74
CA LEU A 25 10.96 2.38 -0.82
C LEU A 25 11.07 3.11 0.51
N PHE A 26 9.94 3.27 1.19
CA PHE A 26 9.91 3.95 2.47
C PHE A 26 10.94 3.35 3.44
N ILE A 27 10.79 2.07 3.72
CA ILE A 27 11.70 1.37 4.63
C ILE A 27 13.13 1.43 4.10
N MET A 28 13.28 1.52 2.79
CA MET A 28 14.59 1.60 2.17
C MET A 28 15.26 2.94 2.44
N ILE A 29 14.46 4.01 2.43
CA ILE A 29 14.98 5.35 2.68
C ILE A 29 15.21 5.57 4.18
N VAL A 30 14.35 4.97 5.00
CA VAL A 30 14.46 5.11 6.44
C VAL A 30 15.81 4.59 6.93
N GLY A 31 16.22 3.44 6.43
CA GLY A 31 17.49 2.86 6.83
C GLY A 31 18.68 3.71 6.39
N LYS A 32 18.48 4.51 5.35
CA LYS A 32 19.54 5.37 4.84
C LYS A 32 19.72 6.60 5.72
N LYS A 33 18.63 7.35 5.90
CA LYS A 33 18.67 8.55 6.73
C LYS A 33 19.20 8.25 8.12
N LYS A 34 18.92 7.03 8.60
CA LYS A 34 19.38 6.62 9.92
C LYS A 34 20.90 6.76 10.05
N LYS A 35 21.59 6.62 8.92
CA LYS A 35 23.04 6.75 8.91
C LYS A 35 23.68 5.77 9.88
N LYS A 36 23.48 4.47 9.63
CA LYS A 36 24.03 3.44 10.48
C LYS A 36 23.48 3.54 11.90
N LYS A 1 -18.69 -9.24 8.11
CA LYS A 1 -17.91 -9.00 6.91
C LYS A 1 -18.57 -9.65 5.70
N LYS A 2 -19.20 -8.83 4.86
CA LYS A 2 -19.87 -9.33 3.66
C LYS A 2 -20.32 -8.17 2.77
N LYS A 3 -19.91 -8.21 1.51
CA LYS A 3 -20.27 -7.16 0.55
C LYS A 3 -21.09 -7.75 -0.59
N LYS A 4 -22.29 -7.19 -0.80
CA LYS A 4 -23.17 -7.66 -1.87
C LYS A 4 -22.45 -7.64 -3.21
N ASP A 5 -21.49 -6.72 -3.36
CA ASP A 5 -20.73 -6.60 -4.59
C ASP A 5 -19.24 -6.78 -4.33
N LYS A 6 -18.61 -7.66 -5.08
CA LYS A 6 -17.18 -7.92 -4.93
C LYS A 6 -16.35 -6.86 -5.65
N TRP A 7 -16.86 -6.40 -6.79
CA TRP A 7 -16.17 -5.39 -7.58
C TRP A 7 -15.89 -4.14 -6.75
N ALA A 8 -16.90 -3.72 -5.97
CA ALA A 8 -16.77 -2.55 -5.13
C ALA A 8 -15.57 -2.66 -4.19
N SER A 9 -15.30 -3.88 -3.74
CA SER A 9 -14.18 -4.14 -2.84
C SER A 9 -12.86 -4.04 -3.58
N LEU A 10 -12.83 -4.57 -4.80
CA LEU A 10 -11.61 -4.54 -5.61
C LEU A 10 -11.14 -3.10 -5.83
N TRP A 11 -12.09 -2.18 -5.94
CA TRP A 11 -11.76 -0.78 -6.15
C TRP A 11 -10.88 -0.25 -5.03
N ASN A 12 -11.14 -0.70 -3.81
CA ASN A 12 -10.36 -0.27 -2.66
C ASN A 12 -8.94 -0.80 -2.73
N TRP A 13 -8.79 -2.01 -3.26
CA TRP A 13 -7.48 -2.64 -3.38
C TRP A 13 -6.54 -1.77 -4.22
N PHE A 14 -7.13 -0.91 -5.05
CA PHE A 14 -6.34 -0.02 -5.90
C PHE A 14 -5.29 0.72 -5.09
N ASP A 15 -5.75 1.47 -4.08
CA ASP A 15 -4.84 2.24 -3.23
C ASP A 15 -3.80 1.33 -2.58
N ILE A 16 -4.22 0.13 -2.20
CA ILE A 16 -3.33 -0.84 -1.57
C ILE A 16 -2.29 -1.34 -2.57
N THR A 17 -2.65 -1.35 -3.85
CA THR A 17 -1.75 -1.82 -4.89
C THR A 17 -0.42 -1.07 -4.84
N ASN A 18 -0.49 0.26 -4.77
CA ASN A 18 0.70 1.08 -4.72
C ASN A 18 1.23 1.20 -3.29
N TRP A 19 0.33 1.08 -2.32
CA TRP A 19 0.70 1.16 -0.92
C TRP A 19 1.83 0.17 -0.60
N LEU A 20 1.65 -1.08 -1.03
CA LEU A 20 2.66 -2.11 -0.79
C LEU A 20 3.98 -1.74 -1.45
N TRP A 21 3.91 -0.94 -2.51
CA TRP A 21 5.11 -0.53 -3.23
C TRP A 21 5.78 0.66 -2.52
N TYR A 22 4.98 1.44 -1.81
CA TYR A 22 5.50 2.60 -1.10
C TYR A 22 6.18 2.18 0.20
N ILE A 23 5.60 1.21 0.88
CA ILE A 23 6.16 0.71 2.14
C ILE A 23 7.54 0.10 1.92
N LYS A 24 7.79 -0.37 0.70
CA LYS A 24 9.06 -0.98 0.36
C LYS A 24 10.15 0.08 0.21
N LEU A 25 9.93 1.02 -0.70
CA LEU A 25 10.89 2.09 -0.95
C LEU A 25 11.06 2.96 0.29
N PHE A 26 9.96 3.19 1.00
CA PHE A 26 9.97 4.01 2.20
C PHE A 26 11.05 3.52 3.17
N ILE A 27 10.91 2.28 3.63
CA ILE A 27 11.86 1.70 4.56
C ILE A 27 13.27 1.72 3.98
N MET A 28 13.36 1.63 2.66
CA MET A 28 14.66 1.63 1.99
C MET A 28 15.33 3.01 2.12
N ILE A 29 14.53 4.06 2.02
CA ILE A 29 15.04 5.42 2.13
C ILE A 29 15.36 5.77 3.57
N VAL A 30 14.55 5.26 4.50
CA VAL A 30 14.75 5.51 5.92
C VAL A 30 16.11 5.02 6.39
N GLY A 31 16.48 3.82 5.95
CA GLY A 31 17.76 3.26 6.33
C GLY A 31 18.93 4.14 5.93
N LYS A 32 18.74 4.93 4.87
CA LYS A 32 19.78 5.83 4.38
C LYS A 32 20.07 6.93 5.40
N LYS A 33 19.01 7.58 5.88
CA LYS A 33 19.16 8.66 6.85
C LYS A 33 19.63 8.10 8.19
N LYS A 34 18.94 7.09 8.69
CA LYS A 34 19.28 6.47 9.96
C LYS A 34 20.72 5.98 9.96
N LYS A 35 21.24 5.68 8.77
CA LYS A 35 22.61 5.21 8.62
C LYS A 35 22.83 3.94 9.44
N LYS A 36 22.49 2.79 8.86
CA LYS A 36 22.67 1.52 9.53
C LYS A 36 24.11 1.33 9.99
N LYS A 1 -22.88 -2.95 6.55
CA LYS A 1 -22.96 -4.10 7.46
C LYS A 1 -22.02 -5.21 7.01
N LYS A 2 -20.75 -5.11 7.41
CA LYS A 2 -19.76 -6.11 7.05
C LYS A 2 -19.68 -6.28 5.54
N LYS A 3 -18.79 -5.53 4.91
CA LYS A 3 -18.61 -5.60 3.46
C LYS A 3 -19.89 -5.22 2.73
N LYS A 4 -19.96 -3.98 2.27
CA LYS A 4 -21.13 -3.49 1.55
C LYS A 4 -21.33 -4.24 0.24
N ASP A 5 -20.32 -4.18 -0.62
CA ASP A 5 -20.38 -4.85 -1.91
C ASP A 5 -19.06 -5.60 -2.19
N LYS A 6 -19.06 -6.38 -3.26
CA LYS A 6 -17.88 -7.16 -3.63
C LYS A 6 -16.91 -6.30 -4.44
N TRP A 7 -17.46 -5.41 -5.26
CA TRP A 7 -16.64 -4.53 -6.09
C TRP A 7 -16.00 -3.43 -5.24
N ALA A 8 -16.68 -3.04 -4.17
CA ALA A 8 -16.17 -2.00 -3.29
C ALA A 8 -14.79 -2.37 -2.75
N SER A 9 -14.63 -3.62 -2.32
CA SER A 9 -13.36 -4.09 -1.79
C SER A 9 -12.33 -4.26 -2.89
N LEU A 10 -12.81 -4.65 -4.07
CA LEU A 10 -11.92 -4.85 -5.22
C LEU A 10 -11.29 -3.54 -5.66
N TRP A 11 -12.14 -2.55 -5.96
CA TRP A 11 -11.67 -1.24 -6.38
C TRP A 11 -10.70 -0.65 -5.36
N ASN A 12 -10.86 -1.03 -4.11
CA ASN A 12 -9.99 -0.55 -3.04
C ASN A 12 -8.57 -1.07 -3.21
N TRP A 13 -8.44 -2.23 -3.84
CA TRP A 13 -7.14 -2.84 -4.06
C TRP A 13 -6.23 -1.90 -4.87
N PHE A 14 -6.85 -0.98 -5.60
CA PHE A 14 -6.10 -0.04 -6.42
C PHE A 14 -5.03 0.66 -5.59
N ASP A 15 -5.44 1.33 -4.52
CA ASP A 15 -4.50 2.03 -3.65
C ASP A 15 -3.43 1.09 -3.12
N ILE A 16 -3.84 -0.14 -2.81
CA ILE A 16 -2.91 -1.14 -2.29
C ILE A 16 -1.91 -1.57 -3.36
N THR A 17 -2.32 -1.49 -4.62
CA THR A 17 -1.46 -1.87 -5.73
C THR A 17 -0.14 -1.12 -5.68
N ASN A 18 -0.21 0.20 -5.58
CA ASN A 18 0.97 1.04 -5.52
C ASN A 18 1.56 1.04 -4.12
N TRP A 19 0.71 0.85 -3.12
CA TRP A 19 1.14 0.84 -1.73
C TRP A 19 2.30 -0.13 -1.53
N LEU A 20 2.17 -1.33 -2.08
CA LEU A 20 3.21 -2.34 -1.96
C LEU A 20 4.54 -1.82 -2.52
N TRP A 21 4.46 -0.93 -3.50
CA TRP A 21 5.65 -0.37 -4.12
C TRP A 21 6.20 0.78 -3.29
N TYR A 22 5.32 1.42 -2.52
CA TYR A 22 5.72 2.54 -1.67
C TYR A 22 6.37 2.05 -0.38
N ILE A 23 5.82 0.98 0.19
CA ILE A 23 6.34 0.41 1.42
C ILE A 23 7.77 -0.08 1.22
N LYS A 24 8.11 -0.41 -0.02
CA LYS A 24 9.45 -0.89 -0.35
C LYS A 24 10.47 0.24 -0.30
N LEU A 25 10.23 1.27 -1.12
CA LEU A 25 11.13 2.42 -1.17
C LEU A 25 11.11 3.18 0.15
N PHE A 26 9.93 3.33 0.74
CA PHE A 26 9.78 4.03 2.01
C PHE A 26 10.76 3.48 3.05
N ILE A 27 10.58 2.21 3.40
CA ILE A 27 11.44 1.56 4.38
C ILE A 27 12.90 1.63 3.96
N MET A 28 13.14 1.73 2.65
CA MET A 28 14.49 1.81 2.11
C MET A 28 15.11 3.17 2.38
N ILE A 29 14.29 4.22 2.35
CA ILE A 29 14.76 5.57 2.60
C ILE A 29 14.90 5.84 4.09
N VAL A 30 13.99 5.27 4.88
CA VAL A 30 14.02 5.45 6.33
C VAL A 30 15.34 4.98 6.91
N GLY A 31 15.78 3.79 6.50
CA GLY A 31 17.03 3.25 7.00
C GLY A 31 18.21 4.16 6.71
N LYS A 32 18.21 4.78 5.54
CA LYS A 32 19.29 5.68 5.15
C LYS A 32 19.34 6.90 6.08
N LYS A 33 18.19 7.30 6.57
CA LYS A 33 18.10 8.45 7.47
C LYS A 33 18.45 8.05 8.90
N LYS A 34 18.11 6.82 9.27
CA LYS A 34 18.40 6.31 10.61
C LYS A 34 19.88 6.44 10.93
N LYS A 35 20.72 6.08 9.96
CA LYS A 35 22.17 6.14 10.15
C LYS A 35 22.65 7.59 10.14
N LYS A 36 22.89 8.14 11.33
CA LYS A 36 23.35 9.51 11.47
C LYS A 36 24.71 9.70 10.80
N LYS A 1 -23.22 -11.29 6.90
CA LYS A 1 -22.01 -12.10 6.82
C LYS A 1 -21.04 -11.50 5.81
N LYS A 2 -20.66 -10.25 6.03
CA LYS A 2 -19.73 -9.56 5.14
C LYS A 2 -20.19 -9.65 3.69
N LYS A 3 -21.49 -9.54 3.49
CA LYS A 3 -22.07 -9.61 2.15
C LYS A 3 -22.08 -8.22 1.49
N LYS A 4 -22.39 -8.19 0.20
CA LYS A 4 -22.43 -6.94 -0.55
C LYS A 4 -21.08 -6.23 -0.51
N ASP A 5 -21.00 -5.09 -1.19
CA ASP A 5 -19.76 -4.32 -1.24
C ASP A 5 -18.60 -5.17 -1.75
N LYS A 6 -18.93 -6.15 -2.60
CA LYS A 6 -17.92 -7.03 -3.17
C LYS A 6 -17.16 -6.33 -4.29
N TRP A 7 -17.83 -5.42 -4.98
CA TRP A 7 -17.21 -4.67 -6.07
C TRP A 7 -16.31 -3.57 -5.53
N ALA A 8 -16.64 -3.06 -4.35
CA ALA A 8 -15.85 -1.99 -3.73
C ALA A 8 -14.48 -2.50 -3.31
N SER A 9 -14.45 -3.64 -2.62
CA SER A 9 -13.20 -4.23 -2.17
C SER A 9 -12.21 -4.38 -3.32
N LEU A 10 -12.67 -4.96 -4.42
CA LEU A 10 -11.84 -5.16 -5.59
C LEU A 10 -11.17 -3.86 -6.02
N TRP A 11 -11.99 -2.86 -6.34
CA TRP A 11 -11.48 -1.56 -6.76
C TRP A 11 -10.56 -0.96 -5.70
N ASN A 12 -10.89 -1.19 -4.43
CA ASN A 12 -10.11 -0.68 -3.33
C ASN A 12 -8.66 -1.17 -3.42
N TRP A 13 -8.48 -2.33 -4.04
CA TRP A 13 -7.15 -2.92 -4.19
C TRP A 13 -6.22 -1.98 -4.94
N PHE A 14 -6.81 -1.06 -5.71
CA PHE A 14 -6.04 -0.09 -6.48
C PHE A 14 -5.02 0.62 -5.60
N ASP A 15 -5.50 1.27 -4.55
CA ASP A 15 -4.63 1.99 -3.63
C ASP A 15 -3.58 1.06 -3.04
N ILE A 16 -3.98 -0.17 -2.75
CA ILE A 16 -3.07 -1.16 -2.18
C ILE A 16 -2.00 -1.56 -3.19
N THR A 17 -2.34 -1.49 -4.48
CA THR A 17 -1.42 -1.84 -5.54
C THR A 17 -0.11 -1.08 -5.41
N ASN A 18 -0.21 0.25 -5.40
CA ASN A 18 0.97 1.09 -5.29
C ASN A 18 1.46 1.14 -3.85
N TRP A 19 0.54 0.94 -2.91
CA TRP A 19 0.89 0.96 -1.50
C TRP A 19 2.06 0.03 -1.20
N LEU A 20 1.97 -1.19 -1.71
CA LEU A 20 3.03 -2.19 -1.50
C LEU A 20 4.35 -1.71 -2.11
N TRP A 21 4.26 -0.88 -3.13
CA TRP A 21 5.44 -0.35 -3.80
C TRP A 21 6.01 0.85 -3.04
N TYR A 22 5.14 1.56 -2.34
CA TYR A 22 5.55 2.73 -1.58
C TYR A 22 6.17 2.32 -0.25
N ILE A 23 5.59 1.29 0.37
CA ILE A 23 6.09 0.79 1.65
C ILE A 23 7.49 0.21 1.51
N LYS A 24 7.82 -0.25 0.30
CA LYS A 24 9.14 -0.82 0.04
C LYS A 24 10.19 0.28 -0.07
N LEU A 25 9.96 1.24 -0.95
CA LEU A 25 10.90 2.35 -1.14
C LEU A 25 10.98 3.20 0.11
N PHE A 26 9.84 3.42 0.76
CA PHE A 26 9.79 4.23 1.97
C PHE A 26 10.81 3.73 2.99
N ILE A 27 10.66 2.48 3.43
CA ILE A 27 11.56 1.89 4.40
C ILE A 27 13.01 1.93 3.91
N MET A 28 13.17 1.87 2.59
CA MET A 28 14.50 1.90 1.98
C MET A 28 15.15 3.25 2.17
N ILE A 29 14.33 4.31 2.14
CA ILE A 29 14.83 5.66 2.30
C ILE A 29 15.05 6.00 3.77
N VAL A 30 14.17 5.48 4.63
CA VAL A 30 14.28 5.72 6.07
C VAL A 30 15.59 5.17 6.62
N GLY A 31 15.95 3.96 6.19
CA GLY A 31 17.17 3.35 6.66
C GLY A 31 18.39 4.22 6.42
N LYS A 32 18.35 4.99 5.33
CA LYS A 32 19.46 5.88 5.00
C LYS A 32 19.75 6.84 6.13
N LYS A 33 18.70 7.29 6.81
CA LYS A 33 18.84 8.23 7.93
C LYS A 33 19.13 7.48 9.23
N LYS A 34 18.41 6.38 9.43
CA LYS A 34 18.60 5.58 10.64
C LYS A 34 20.06 5.14 10.79
N LYS A 35 20.75 5.00 9.67
CA LYS A 35 22.15 4.59 9.68
C LYS A 35 23.05 5.80 9.95
N LYS A 36 23.11 6.21 11.21
CA LYS A 36 23.94 7.35 11.61
C LYS A 36 25.37 6.89 11.88
N LYS A 1 -6.18 -2.25 2.78
CA LYS A 1 -6.55 -3.36 3.64
C LYS A 1 -8.04 -3.33 3.97
N LYS A 2 -8.87 -3.67 2.98
CA LYS A 2 -10.31 -3.68 3.15
C LYS A 2 -10.82 -5.09 3.46
N LYS A 3 -12.13 -5.24 3.54
CA LYS A 3 -12.73 -6.54 3.83
C LYS A 3 -14.19 -6.57 3.37
N LYS A 4 -15.03 -5.78 4.05
CA LYS A 4 -16.44 -5.72 3.71
C LYS A 4 -16.65 -5.28 2.27
N ASP A 5 -17.71 -5.78 1.65
CA ASP A 5 -18.02 -5.44 0.27
C ASP A 5 -16.88 -5.86 -0.66
N LYS A 6 -17.01 -7.03 -1.27
CA LYS A 6 -16.00 -7.55 -2.17
C LYS A 6 -15.89 -6.66 -3.42
N TRP A 7 -17.03 -6.27 -3.96
CA TRP A 7 -17.06 -5.41 -5.15
C TRP A 7 -16.37 -4.09 -4.89
N ALA A 8 -16.44 -3.62 -3.65
CA ALA A 8 -15.83 -2.36 -3.26
C ALA A 8 -14.34 -2.54 -2.99
N SER A 9 -14.00 -3.62 -2.28
CA SER A 9 -12.62 -3.91 -1.94
C SER A 9 -11.77 -4.11 -3.20
N LEU A 10 -12.42 -4.61 -4.25
CA LEU A 10 -11.73 -4.85 -5.52
C LEU A 10 -11.26 -3.54 -6.15
N TRP A 11 -12.17 -2.58 -6.25
CA TRP A 11 -11.85 -1.29 -6.82
C TRP A 11 -10.92 -0.49 -5.90
N ASN A 12 -11.02 -0.75 -4.61
CA ASN A 12 -10.20 -0.06 -3.61
C ASN A 12 -8.77 -0.60 -3.64
N TRP A 13 -8.62 -1.85 -4.06
CA TRP A 13 -7.31 -2.49 -4.13
C TRP A 13 -6.38 -1.70 -5.04
N PHE A 14 -6.95 -0.90 -5.94
CA PHE A 14 -6.17 -0.10 -6.87
C PHE A 14 -5.12 0.72 -6.13
N ASP A 15 -5.58 1.56 -5.19
CA ASP A 15 -4.68 2.39 -4.41
C ASP A 15 -3.63 1.55 -3.69
N ILE A 16 -4.06 0.39 -3.19
CA ILE A 16 -3.16 -0.51 -2.49
C ILE A 16 -2.12 -1.11 -3.42
N THR A 17 -2.47 -1.23 -4.70
CA THR A 17 -1.57 -1.79 -5.69
C THR A 17 -0.25 -1.04 -5.71
N ASN A 18 -0.32 0.28 -5.70
CA ASN A 18 0.88 1.13 -5.71
C ASN A 18 1.45 1.28 -4.30
N TRP A 19 0.56 1.24 -3.31
CA TRP A 19 0.98 1.38 -1.91
C TRP A 19 2.04 0.34 -1.56
N LEU A 20 1.87 -0.88 -2.08
CA LEU A 20 2.82 -1.96 -1.81
C LEU A 20 4.21 -1.61 -2.36
N TRP A 21 4.23 -0.82 -3.43
CA TRP A 21 5.49 -0.41 -4.05
C TRP A 21 6.11 0.76 -3.30
N TYR A 22 5.27 1.57 -2.67
CA TYR A 22 5.73 2.73 -1.92
C TYR A 22 6.26 2.32 -0.54
N ILE A 23 5.56 1.37 0.07
CA ILE A 23 5.96 0.88 1.39
C ILE A 23 7.34 0.23 1.35
N LYS A 24 7.71 -0.28 0.18
CA LYS A 24 9.01 -0.93 0.00
C LYS A 24 10.13 0.10 -0.06
N LEU A 25 10.03 1.03 -1.01
CA LEU A 25 11.04 2.07 -1.17
C LEU A 25 11.09 2.97 0.07
N PHE A 26 9.93 3.27 0.62
CA PHE A 26 9.85 4.11 1.81
C PHE A 26 10.77 3.60 2.91
N ILE A 27 10.49 2.39 3.38
CA ILE A 27 11.29 1.78 4.44
C ILE A 27 12.76 1.69 4.03
N MET A 28 13.00 1.60 2.72
CA MET A 28 14.36 1.52 2.21
C MET A 28 15.09 2.84 2.36
N ILE A 29 14.36 3.95 2.20
CA ILE A 29 14.93 5.28 2.33
C ILE A 29 15.09 5.67 3.79
N VAL A 30 14.09 5.33 4.60
CA VAL A 30 14.12 5.64 6.02
C VAL A 30 15.37 5.09 6.69
N GLY A 31 15.69 3.83 6.37
CA GLY A 31 16.86 3.20 6.95
C GLY A 31 18.12 4.00 6.72
N LYS A 32 18.15 4.78 5.64
CA LYS A 32 19.30 5.60 5.31
C LYS A 32 19.58 6.61 6.41
N LYS A 33 18.51 7.12 7.02
CA LYS A 33 18.64 8.10 8.10
C LYS A 33 18.80 7.42 9.45
N LYS A 34 17.97 6.39 9.68
CA LYS A 34 18.01 5.65 10.94
C LYS A 34 19.40 5.06 11.18
N LYS A 35 20.04 4.60 10.10
CA LYS A 35 21.38 4.02 10.18
C LYS A 35 22.40 5.08 10.57
N LYS A 36 22.61 5.24 11.87
CA LYS A 36 23.57 6.22 12.37
C LYS A 36 24.67 5.53 13.19
N LYS A 1 -14.53 -13.88 4.81
CA LYS A 1 -15.88 -13.37 4.75
C LYS A 1 -16.31 -13.16 3.30
N LYS A 2 -17.62 -13.11 3.07
CA LYS A 2 -18.17 -12.91 1.72
C LYS A 2 -18.65 -11.48 1.55
N LYS A 3 -17.94 -10.71 0.72
CA LYS A 3 -18.29 -9.33 0.46
C LYS A 3 -19.42 -9.25 -0.57
N LYS A 4 -20.45 -8.46 -0.25
CA LYS A 4 -21.59 -8.30 -1.14
C LYS A 4 -21.14 -7.82 -2.52
N ASP A 5 -20.66 -6.58 -2.59
CA ASP A 5 -20.19 -6.01 -3.84
C ASP A 5 -18.78 -6.50 -4.17
N LYS A 6 -18.65 -7.18 -5.31
CA LYS A 6 -17.36 -7.71 -5.74
C LYS A 6 -16.51 -6.61 -6.36
N TRP A 7 -17.16 -5.68 -7.06
CA TRP A 7 -16.47 -4.59 -7.71
C TRP A 7 -16.06 -3.52 -6.70
N ALA A 8 -16.80 -3.45 -5.59
CA ALA A 8 -16.52 -2.47 -4.55
C ALA A 8 -15.14 -2.71 -3.94
N SER A 9 -14.89 -3.93 -3.48
CA SER A 9 -13.61 -4.28 -2.87
C SER A 9 -12.46 -4.00 -3.84
N LEU A 10 -12.69 -4.31 -5.11
CA LEU A 10 -11.67 -4.09 -6.14
C LEU A 10 -11.14 -2.67 -6.09
N TRP A 11 -12.04 -1.70 -6.18
CA TRP A 11 -11.67 -0.29 -6.15
C TRP A 11 -10.80 0.01 -4.93
N ASN A 12 -11.14 -0.59 -3.80
CA ASN A 12 -10.39 -0.38 -2.57
C ASN A 12 -8.97 -0.94 -2.69
N TRP A 13 -8.84 -2.06 -3.40
CA TRP A 13 -7.54 -2.69 -3.60
C TRP A 13 -6.57 -1.74 -4.29
N PHE A 14 -7.12 -0.74 -4.98
CA PHE A 14 -6.30 0.25 -5.69
C PHE A 14 -5.26 0.84 -4.76
N ASP A 15 -5.72 1.45 -3.67
CA ASP A 15 -4.81 2.06 -2.71
C ASP A 15 -3.79 1.05 -2.18
N ILE A 16 -4.25 -0.19 -1.98
CA ILE A 16 -3.38 -1.25 -1.49
C ILE A 16 -2.33 -1.63 -2.53
N THR A 17 -2.67 -1.45 -3.81
CA THR A 17 -1.77 -1.78 -4.90
C THR A 17 -0.42 -1.07 -4.73
N ASN A 18 -0.47 0.25 -4.55
CA ASN A 18 0.75 1.04 -4.37
C ASN A 18 1.24 0.95 -2.93
N TRP A 19 0.31 0.70 -2.01
CA TRP A 19 0.66 0.60 -0.59
C TRP A 19 1.80 -0.39 -0.38
N LEU A 20 1.74 -1.52 -1.08
CA LEU A 20 2.77 -2.54 -0.97
C LEU A 20 4.08 -2.08 -1.60
N TRP A 21 3.96 -1.17 -2.58
CA TRP A 21 5.13 -0.64 -3.27
C TRP A 21 5.78 0.47 -2.46
N TYR A 22 4.98 1.14 -1.63
CA TYR A 22 5.48 2.24 -0.81
C TYR A 22 6.22 1.70 0.42
N ILE A 23 5.67 0.64 1.01
CA ILE A 23 6.28 0.03 2.19
C ILE A 23 7.68 -0.49 1.88
N LYS A 24 7.93 -0.80 0.61
CA LYS A 24 9.22 -1.31 0.18
C LYS A 24 10.24 -0.17 0.08
N LEU A 25 9.95 0.81 -0.76
CA LEU A 25 10.84 1.95 -0.93
C LEU A 25 11.00 2.73 0.37
N PHE A 26 9.91 2.83 1.13
CA PHE A 26 9.94 3.55 2.40
C PHE A 26 11.08 3.05 3.28
N ILE A 27 11.05 1.77 3.62
CA ILE A 27 12.08 1.17 4.46
C ILE A 27 13.47 1.38 3.86
N MET A 28 13.52 1.43 2.53
CA MET A 28 14.78 1.61 1.82
C MET A 28 15.33 3.02 2.06
N ILE A 29 14.44 4.01 2.03
CA ILE A 29 14.83 5.39 2.25
C ILE A 29 15.15 5.66 3.71
N VAL A 30 14.40 5.02 4.61
CA VAL A 30 14.61 5.19 6.03
C VAL A 30 16.07 4.95 6.41
N GLY A 31 16.65 3.90 5.85
CA GLY A 31 18.04 3.58 6.13
C GLY A 31 18.98 4.71 5.76
N LYS A 32 18.60 5.49 4.76
CA LYS A 32 19.42 6.62 4.31
C LYS A 32 19.47 7.71 5.37
N LYS A 33 18.30 8.18 5.78
CA LYS A 33 18.21 9.23 6.80
C LYS A 33 18.99 8.84 8.05
N LYS A 34 18.95 7.55 8.39
CA LYS A 34 19.66 7.06 9.57
C LYS A 34 21.15 7.35 9.48
N LYS A 35 21.72 7.16 8.30
CA LYS A 35 23.14 7.41 8.09
C LYS A 35 23.44 8.90 8.13
N LYS A 36 24.34 9.30 9.02
CA LYS A 36 24.72 10.70 9.15
C LYS A 36 26.06 10.98 8.49
N LYS A 1 -21.72 -6.95 5.47
CA LYS A 1 -22.67 -6.40 4.51
C LYS A 1 -22.73 -7.24 3.25
N LYS A 2 -21.62 -7.30 2.53
CA LYS A 2 -21.54 -8.08 1.29
C LYS A 2 -22.61 -7.63 0.31
N LYS A 3 -22.32 -6.56 -0.44
CA LYS A 3 -23.25 -6.04 -1.43
C LYS A 3 -23.20 -6.85 -2.72
N LYS A 4 -24.21 -6.69 -3.56
CA LYS A 4 -24.28 -7.40 -4.82
C LYS A 4 -23.03 -7.16 -5.66
N ASP A 5 -22.53 -5.93 -5.62
CA ASP A 5 -21.33 -5.57 -6.36
C ASP A 5 -20.07 -5.99 -5.61
N LYS A 6 -19.53 -7.15 -5.96
CA LYS A 6 -18.33 -7.66 -5.31
C LYS A 6 -17.09 -6.91 -5.80
N TRP A 7 -17.07 -6.57 -7.08
CA TRP A 7 -15.95 -5.84 -7.65
C TRP A 7 -15.74 -4.51 -6.95
N ALA A 8 -16.83 -3.91 -6.46
CA ALA A 8 -16.78 -2.64 -5.76
C ALA A 8 -15.78 -2.69 -4.62
N SER A 9 -15.68 -3.85 -3.97
CA SER A 9 -14.78 -4.03 -2.85
C SER A 9 -13.32 -4.05 -3.32
N LEU A 10 -13.09 -4.69 -4.46
CA LEU A 10 -11.75 -4.78 -5.02
C LEU A 10 -11.21 -3.41 -5.40
N TRP A 11 -12.12 -2.47 -5.68
CA TRP A 11 -11.74 -1.12 -6.05
C TRP A 11 -10.84 -0.50 -4.98
N ASN A 12 -11.10 -0.84 -3.73
CA ASN A 12 -10.32 -0.32 -2.62
C ASN A 12 -8.88 -0.83 -2.68
N TRP A 13 -8.70 -2.01 -3.25
CA TRP A 13 -7.37 -2.60 -3.38
C TRP A 13 -6.44 -1.69 -4.18
N PHE A 14 -7.04 -0.81 -4.98
CA PHE A 14 -6.26 0.12 -5.80
C PHE A 14 -5.23 0.87 -4.96
N ASP A 15 -5.73 1.57 -3.93
CA ASP A 15 -4.85 2.33 -3.05
C ASP A 15 -3.79 1.43 -2.42
N ILE A 16 -4.19 0.21 -2.08
CA ILE A 16 -3.28 -0.75 -1.46
C ILE A 16 -2.21 -1.20 -2.47
N THR A 17 -2.57 -1.19 -3.75
CA THR A 17 -1.64 -1.59 -4.79
C THR A 17 -0.33 -0.82 -4.71
N ASN A 18 -0.44 0.50 -4.63
CA ASN A 18 0.74 1.37 -4.54
C ASN A 18 1.28 1.39 -3.12
N TRP A 19 0.40 1.20 -2.15
CA TRP A 19 0.78 1.21 -0.74
C TRP A 19 1.92 0.23 -0.49
N LEU A 20 1.71 -1.03 -0.89
CA LEU A 20 2.71 -2.07 -0.70
C LEU A 20 4.02 -1.70 -1.41
N TRP A 21 3.91 -0.88 -2.45
CA TRP A 21 5.08 -0.46 -3.20
C TRP A 21 5.78 0.70 -2.50
N TYR A 22 5.03 1.47 -1.73
CA TYR A 22 5.58 2.61 -1.01
C TYR A 22 6.29 2.15 0.26
N ILE A 23 5.71 1.17 0.95
CA ILE A 23 6.30 0.65 2.17
C ILE A 23 7.64 0.01 1.90
N LYS A 24 7.85 -0.46 0.67
CA LYS A 24 9.10 -1.09 0.30
C LYS A 24 10.21 -0.06 0.11
N LEU A 25 9.95 0.92 -0.75
CA LEU A 25 10.92 1.98 -1.01
C LEU A 25 11.15 2.83 0.22
N PHE A 26 10.07 3.08 0.97
CA PHE A 26 10.16 3.90 2.18
C PHE A 26 11.25 3.36 3.11
N ILE A 27 11.07 2.12 3.57
CA ILE A 27 12.03 1.50 4.46
C ILE A 27 13.43 1.47 3.85
N MET A 28 13.48 1.49 2.52
CA MET A 28 14.75 1.47 1.81
C MET A 28 15.45 2.83 1.92
N ILE A 29 14.67 3.90 1.93
CA ILE A 29 15.22 5.24 2.03
C ILE A 29 15.56 5.59 3.49
N VAL A 30 14.72 5.13 4.41
CA VAL A 30 14.93 5.38 5.82
C VAL A 30 16.34 4.99 6.25
N GLY A 31 16.79 3.82 5.79
CA GLY A 31 18.12 3.35 6.13
C GLY A 31 19.19 4.38 5.85
N LYS A 32 18.94 5.23 4.86
CA LYS A 32 19.89 6.27 4.49
C LYS A 32 19.91 7.39 5.51
N LYS A 33 18.74 7.73 6.04
CA LYS A 33 18.62 8.78 7.04
C LYS A 33 19.09 8.29 8.40
N LYS A 34 18.88 7.01 8.67
CA LYS A 34 19.28 6.42 9.93
C LYS A 34 20.80 6.51 10.13
N LYS A 35 21.53 6.30 9.04
CA LYS A 35 22.99 6.36 9.09
C LYS A 35 23.46 7.77 9.45
N LYS A 36 24.78 7.96 9.41
CA LYS A 36 25.36 9.26 9.73
C LYS A 36 26.65 9.50 8.94
N LYS A 1 -23.65 -1.15 -1.19
CA LYS A 1 -22.29 -0.61 -1.19
C LYS A 1 -21.38 -1.39 -0.25
N LYS A 2 -21.62 -2.70 -0.16
CA LYS A 2 -20.83 -3.56 0.70
C LYS A 2 -20.79 -4.99 0.17
N LYS A 3 -21.95 -5.63 0.13
CA LYS A 3 -22.06 -7.00 -0.36
C LYS A 3 -22.70 -7.03 -1.74
N LYS A 4 -23.71 -6.19 -1.94
CA LYS A 4 -24.42 -6.12 -3.22
C LYS A 4 -23.44 -5.86 -4.37
N ASP A 5 -22.39 -5.10 -4.08
CA ASP A 5 -21.38 -4.78 -5.08
C ASP A 5 -20.01 -5.28 -4.64
N LYS A 6 -19.63 -6.45 -5.11
CA LYS A 6 -18.33 -7.04 -4.77
C LYS A 6 -17.20 -6.25 -5.40
N TRP A 7 -17.48 -5.64 -6.55
CA TRP A 7 -16.48 -4.86 -7.27
C TRP A 7 -15.86 -3.80 -6.35
N ALA A 8 -16.65 -3.27 -5.43
CA ALA A 8 -16.18 -2.27 -4.49
C ALA A 8 -14.95 -2.76 -3.73
N SER A 9 -14.94 -4.05 -3.42
CA SER A 9 -13.83 -4.65 -2.69
C SER A 9 -12.55 -4.64 -3.53
N LEU A 10 -12.71 -4.95 -4.81
CA LEU A 10 -11.57 -4.98 -5.72
C LEU A 10 -11.08 -3.57 -6.03
N TRP A 11 -12.01 -2.64 -6.13
CA TRP A 11 -11.67 -1.25 -6.41
C TRP A 11 -10.81 -0.65 -5.30
N ASN A 12 -11.05 -1.09 -4.08
CA ASN A 12 -10.30 -0.61 -2.92
C ASN A 12 -8.85 -1.09 -2.98
N TRP A 13 -8.65 -2.26 -3.57
CA TRP A 13 -7.30 -2.83 -3.68
C TRP A 13 -6.39 -1.90 -4.46
N PHE A 14 -6.98 -1.02 -5.26
CA PHE A 14 -6.21 -0.07 -6.06
C PHE A 14 -5.21 0.68 -5.19
N ASP A 15 -5.71 1.37 -4.18
CA ASP A 15 -4.87 2.13 -3.27
C ASP A 15 -3.80 1.24 -2.64
N ILE A 16 -4.19 0.01 -2.31
CA ILE A 16 -3.26 -0.94 -1.71
C ILE A 16 -2.19 -1.36 -2.69
N THR A 17 -2.52 -1.34 -3.97
CA THR A 17 -1.58 -1.72 -5.02
C THR A 17 -0.28 -0.93 -4.90
N ASN A 18 -0.41 0.38 -4.71
CA ASN A 18 0.75 1.25 -4.59
C ASN A 18 1.27 1.26 -3.15
N TRP A 19 0.38 1.03 -2.20
CA TRP A 19 0.74 1.01 -0.79
C TRP A 19 1.90 0.06 -0.54
N LEU A 20 1.72 -1.20 -0.92
CA LEU A 20 2.76 -2.21 -0.74
C LEU A 20 4.05 -1.80 -1.45
N TRP A 21 3.91 -0.99 -2.49
CA TRP A 21 5.07 -0.52 -3.26
C TRP A 21 5.74 0.65 -2.56
N TYR A 22 4.97 1.39 -1.76
CA TYR A 22 5.50 2.54 -1.05
C TYR A 22 6.23 2.10 0.23
N ILE A 23 5.65 1.13 0.92
CA ILE A 23 6.24 0.61 2.16
C ILE A 23 7.62 0.02 1.90
N LYS A 24 7.84 -0.42 0.66
CA LYS A 24 9.12 -1.01 0.28
C LYS A 24 10.20 0.07 0.12
N LEU A 25 9.94 1.02 -0.78
CA LEU A 25 10.88 2.11 -1.02
C LEU A 25 11.05 2.97 0.22
N PHE A 26 9.96 3.17 0.95
CA PHE A 26 9.99 3.97 2.17
C PHE A 26 11.09 3.49 3.11
N ILE A 27 10.97 2.26 3.57
CA ILE A 27 11.96 1.68 4.46
C ILE A 27 13.36 1.71 3.86
N MET A 28 13.41 1.70 2.53
CA MET A 28 14.69 1.74 1.82
C MET A 28 15.33 3.12 1.91
N ILE A 29 14.50 4.15 1.88
CA ILE A 29 14.99 5.53 1.96
C ILE A 29 15.28 5.91 3.41
N VAL A 30 14.49 5.39 4.33
CA VAL A 30 14.68 5.67 5.75
C VAL A 30 16.06 5.24 6.23
N GLY A 31 16.47 4.04 5.80
CA GLY A 31 17.77 3.52 6.19
C GLY A 31 18.89 4.50 5.90
N LYS A 32 18.73 5.29 4.86
CA LYS A 32 19.74 6.27 4.48
C LYS A 32 19.98 7.27 5.60
N LYS A 33 18.90 7.67 6.28
CA LYS A 33 19.01 8.62 7.38
C LYS A 33 19.32 7.91 8.69
N LYS A 34 18.71 6.74 8.89
CA LYS A 34 18.92 5.96 10.10
C LYS A 34 20.41 5.66 10.28
N LYS A 35 21.12 5.49 9.18
CA LYS A 35 22.55 5.20 9.22
C LYS A 35 23.36 6.39 8.73
N LYS A 36 24.37 6.78 9.49
CA LYS A 36 25.22 7.90 9.13
C LYS A 36 26.47 7.41 8.38
N LYS A 1 -24.34 -13.55 2.89
CA LYS A 1 -24.32 -12.85 1.60
C LYS A 1 -24.90 -11.44 1.74
N LYS A 2 -24.08 -10.51 2.21
CA LYS A 2 -24.50 -9.13 2.38
C LYS A 2 -23.48 -8.17 1.78
N LYS A 3 -23.74 -7.71 0.57
CA LYS A 3 -22.84 -6.77 -0.11
C LYS A 3 -23.53 -6.14 -1.31
N LYS A 4 -23.74 -4.82 -1.23
CA LYS A 4 -24.38 -4.09 -2.32
C LYS A 4 -23.59 -4.23 -3.61
N ASP A 5 -22.30 -3.92 -3.55
CA ASP A 5 -21.43 -4.01 -4.72
C ASP A 5 -20.19 -4.84 -4.41
N LYS A 6 -19.90 -5.81 -5.26
CA LYS A 6 -18.75 -6.67 -5.09
C LYS A 6 -17.48 -6.02 -5.63
N TRP A 7 -17.62 -5.34 -6.77
CA TRP A 7 -16.48 -4.66 -7.39
C TRP A 7 -15.92 -3.59 -6.47
N ALA A 8 -16.77 -3.05 -5.60
CA ALA A 8 -16.36 -2.01 -4.66
C ALA A 8 -15.29 -2.53 -3.71
N SER A 9 -15.46 -3.77 -3.25
CA SER A 9 -14.51 -4.39 -2.34
C SER A 9 -13.12 -4.50 -2.97
N LEU A 10 -13.10 -4.88 -4.25
CA LEU A 10 -11.85 -5.02 -4.97
C LEU A 10 -11.27 -3.66 -5.34
N TRP A 11 -12.15 -2.69 -5.57
CA TRP A 11 -11.72 -1.34 -5.93
C TRP A 11 -10.75 -0.78 -4.90
N ASN A 12 -10.96 -1.15 -3.63
CA ASN A 12 -10.10 -0.68 -2.56
C ASN A 12 -8.67 -1.19 -2.73
N TRP A 13 -8.54 -2.34 -3.38
CA TRP A 13 -7.23 -2.94 -3.62
C TRP A 13 -6.34 -1.99 -4.41
N PHE A 14 -6.96 -1.05 -5.12
CA PHE A 14 -6.21 -0.08 -5.92
C PHE A 14 -5.13 0.61 -5.07
N ASP A 15 -5.56 1.24 -3.99
CA ASP A 15 -4.62 1.93 -3.10
C ASP A 15 -3.55 0.98 -2.59
N ILE A 16 -3.95 -0.26 -2.31
CA ILE A 16 -3.02 -1.27 -1.81
C ILE A 16 -2.02 -1.67 -2.89
N THR A 17 -2.43 -1.56 -4.15
CA THR A 17 -1.56 -1.91 -5.27
C THR A 17 -0.25 -1.16 -5.19
N ASN A 18 -0.32 0.16 -5.01
CA ASN A 18 0.87 0.99 -4.92
C ASN A 18 1.46 0.96 -3.52
N TRP A 19 0.60 0.70 -2.54
CA TRP A 19 1.03 0.65 -1.14
C TRP A 19 2.21 -0.30 -0.98
N LEU A 20 2.12 -1.47 -1.57
CA LEU A 20 3.18 -2.46 -1.50
C LEU A 20 4.48 -1.93 -2.10
N TRP A 21 4.34 -1.03 -3.07
CA TRP A 21 5.50 -0.43 -3.73
C TRP A 21 6.06 0.73 -2.89
N TYR A 22 5.20 1.34 -2.10
CA TYR A 22 5.62 2.46 -1.25
C TYR A 22 6.32 1.95 0.01
N ILE A 23 5.81 0.87 0.57
CA ILE A 23 6.41 0.28 1.77
C ILE A 23 7.84 -0.17 1.53
N LYS A 24 8.15 -0.46 0.27
CA LYS A 24 9.49 -0.91 -0.11
C LYS A 24 10.46 0.26 -0.12
N LEU A 25 10.18 1.27 -0.94
CA LEU A 25 11.02 2.45 -1.04
C LEU A 25 11.08 3.20 0.29
N PHE A 26 9.97 3.22 1.01
CA PHE A 26 9.89 3.89 2.30
C PHE A 26 11.01 3.41 3.22
N ILE A 27 11.02 2.12 3.50
CA ILE A 27 12.04 1.54 4.37
C ILE A 27 13.44 1.82 3.84
N MET A 28 13.56 1.92 2.53
CA MET A 28 14.85 2.19 1.89
C MET A 28 15.32 3.61 2.20
N ILE A 29 14.37 4.54 2.29
CA ILE A 29 14.70 5.92 2.58
C ILE A 29 14.96 6.12 4.08
N VAL A 30 14.22 5.40 4.91
CA VAL A 30 14.37 5.49 6.36
C VAL A 30 15.75 5.03 6.80
N GLY A 31 16.20 3.90 6.25
CA GLY A 31 17.50 3.37 6.59
C GLY A 31 18.62 4.33 6.26
N LYS A 32 18.53 4.98 5.11
CA LYS A 32 19.55 5.93 4.67
C LYS A 32 19.72 7.05 5.70
N LYS A 33 18.61 7.70 6.04
CA LYS A 33 18.63 8.79 7.02
C LYS A 33 18.99 8.26 8.41
N LYS A 34 18.69 6.99 8.65
CA LYS A 34 18.98 6.37 9.94
C LYS A 34 20.48 6.40 10.24
N LYS A 35 21.28 6.10 9.21
CA LYS A 35 22.73 6.09 9.35
C LYS A 35 23.17 5.09 10.41
N LYS A 36 24.47 4.98 10.61
CA LYS A 36 25.03 4.06 11.61
C LYS A 36 25.01 4.68 13.00
N LYS A 1 -21.23 -5.49 4.37
CA LYS A 1 -22.23 -4.89 5.25
C LYS A 1 -23.59 -4.82 4.57
N LYS A 2 -23.64 -4.14 3.44
CA LYS A 2 -24.88 -4.00 2.68
C LYS A 2 -24.67 -4.34 1.21
N LYS A 3 -25.47 -5.27 0.71
CA LYS A 3 -25.37 -5.68 -0.69
C LYS A 3 -24.00 -6.30 -0.98
N LYS A 4 -23.87 -6.92 -2.15
CA LYS A 4 -22.62 -7.55 -2.54
C LYS A 4 -21.50 -6.50 -2.64
N ASP A 5 -20.33 -6.86 -2.12
CA ASP A 5 -19.18 -5.96 -2.14
C ASP A 5 -18.00 -6.60 -2.88
N LYS A 6 -18.30 -7.20 -4.03
CA LYS A 6 -17.28 -7.84 -4.84
C LYS A 6 -16.40 -6.80 -5.53
N TRP A 7 -17.03 -5.81 -6.15
CA TRP A 7 -16.30 -4.76 -6.85
C TRP A 7 -15.82 -3.69 -5.87
N ALA A 8 -16.55 -3.52 -4.78
CA ALA A 8 -16.20 -2.54 -3.76
C ALA A 8 -14.83 -2.83 -3.16
N SER A 9 -14.52 -4.12 -3.02
CA SER A 9 -13.25 -4.55 -2.45
C SER A 9 -12.15 -4.55 -3.52
N LEU A 10 -12.53 -4.90 -4.74
CA LEU A 10 -11.57 -4.94 -5.85
C LEU A 10 -11.04 -3.54 -6.16
N TRP A 11 -11.94 -2.64 -6.53
CA TRP A 11 -11.56 -1.27 -6.85
C TRP A 11 -10.75 -0.65 -5.72
N ASN A 12 -11.08 -1.02 -4.49
CA ASN A 12 -10.38 -0.49 -3.32
C ASN A 12 -8.94 -0.96 -3.30
N TRP A 13 -8.70 -2.17 -3.81
CA TRP A 13 -7.36 -2.73 -3.85
C TRP A 13 -6.41 -1.84 -4.64
N PHE A 14 -6.97 -1.01 -5.51
CA PHE A 14 -6.17 -0.09 -6.32
C PHE A 14 -5.21 0.71 -5.46
N ASP A 15 -5.76 1.44 -4.49
CA ASP A 15 -4.95 2.25 -3.60
C ASP A 15 -3.90 1.40 -2.87
N ILE A 16 -4.30 0.19 -2.50
CA ILE A 16 -3.40 -0.73 -1.81
C ILE A 16 -2.28 -1.20 -2.73
N THR A 17 -2.57 -1.24 -4.03
CA THR A 17 -1.59 -1.67 -5.02
C THR A 17 -0.30 -0.87 -4.89
N ASN A 18 -0.42 0.46 -4.95
CA ASN A 18 0.74 1.33 -4.84
C ASN A 18 1.23 1.41 -3.40
N TRP A 19 0.31 1.28 -2.45
CA TRP A 19 0.65 1.33 -1.04
C TRP A 19 1.79 0.37 -0.72
N LEU A 20 1.60 -0.90 -1.04
CA LEU A 20 2.60 -1.93 -0.78
C LEU A 20 3.93 -1.55 -1.44
N TRP A 21 3.86 -0.76 -2.50
CA TRP A 21 5.05 -0.34 -3.22
C TRP A 21 5.70 0.85 -2.53
N TYR A 22 4.89 1.69 -1.88
CA TYR A 22 5.38 2.85 -1.17
C TYR A 22 6.04 2.47 0.14
N ILE A 23 5.43 1.51 0.84
CA ILE A 23 5.95 1.04 2.11
C ILE A 23 7.32 0.38 1.94
N LYS A 24 7.57 -0.16 0.75
CA LYS A 24 8.84 -0.80 0.46
C LYS A 24 9.95 0.23 0.30
N LEU A 25 9.77 1.14 -0.66
CA LEU A 25 10.76 2.18 -0.92
C LEU A 25 10.96 3.06 0.31
N PHE A 26 9.87 3.33 1.01
CA PHE A 26 9.92 4.17 2.20
C PHE A 26 10.97 3.66 3.18
N ILE A 27 10.78 2.43 3.65
CA ILE A 27 11.71 1.82 4.60
C ILE A 27 13.12 1.82 4.03
N MET A 28 13.23 1.68 2.72
CA MET A 28 14.54 1.65 2.06
C MET A 28 15.23 3.01 2.18
N ILE A 29 14.44 4.07 2.14
CA ILE A 29 14.98 5.42 2.24
C ILE A 29 15.23 5.81 3.70
N VAL A 30 14.37 5.32 4.59
CA VAL A 30 14.50 5.61 6.01
C VAL A 30 15.80 5.03 6.57
N GLY A 31 16.03 3.75 6.33
CA GLY A 31 17.23 3.11 6.82
C GLY A 31 18.49 3.78 6.33
N LYS A 32 18.42 4.37 5.14
CA LYS A 32 19.57 5.05 4.55
C LYS A 32 19.96 6.26 5.39
N LYS A 33 18.98 7.08 5.74
CA LYS A 33 19.23 8.27 6.55
C LYS A 33 19.63 7.89 7.97
N LYS A 34 19.15 6.75 8.43
CA LYS A 34 19.47 6.26 9.77
C LYS A 34 20.93 5.85 9.88
N LYS A 35 21.51 5.47 8.74
CA LYS A 35 22.91 5.05 8.71
C LYS A 35 23.18 3.96 9.73
N LYS A 36 22.66 2.77 9.47
CA LYS A 36 22.84 1.63 10.36
C LYS A 36 22.36 0.34 9.70
N LYS A 1 -25.18 1.66 -8.06
CA LYS A 1 -24.07 1.28 -7.18
C LYS A 1 -24.58 0.98 -5.77
N LYS A 2 -25.67 0.22 -5.69
CA LYS A 2 -26.25 -0.15 -4.40
C LYS A 2 -26.62 -1.63 -4.37
N LYS A 3 -25.66 -2.49 -4.70
CA LYS A 3 -25.88 -3.92 -4.71
C LYS A 3 -24.63 -4.67 -4.24
N LYS A 4 -24.83 -5.87 -3.71
CA LYS A 4 -23.72 -6.69 -3.22
C LYS A 4 -22.83 -7.13 -4.38
N ASP A 5 -21.54 -6.84 -4.27
CA ASP A 5 -20.58 -7.21 -5.30
C ASP A 5 -19.15 -7.21 -4.74
N LYS A 6 -18.35 -8.16 -5.19
CA LYS A 6 -16.97 -8.27 -4.74
C LYS A 6 -16.10 -7.18 -5.35
N TRP A 7 -16.51 -6.70 -6.53
CA TRP A 7 -15.78 -5.65 -7.23
C TRP A 7 -15.62 -4.42 -6.34
N ALA A 8 -16.55 -4.25 -5.39
CA ALA A 8 -16.50 -3.12 -4.48
C ALA A 8 -15.19 -3.08 -3.71
N SER A 9 -14.59 -4.25 -3.50
CA SER A 9 -13.33 -4.34 -2.78
C SER A 9 -12.15 -4.05 -3.69
N LEU A 10 -12.23 -4.55 -4.92
CA LEU A 10 -11.15 -4.33 -5.90
C LEU A 10 -10.89 -2.84 -6.09
N TRP A 11 -11.95 -2.07 -6.23
CA TRP A 11 -11.82 -0.63 -6.42
C TRP A 11 -11.00 0.00 -5.30
N ASN A 12 -11.19 -0.49 -4.09
CA ASN A 12 -10.47 0.02 -2.93
C ASN A 12 -9.04 -0.51 -2.90
N TRP A 13 -8.88 -1.76 -3.33
CA TRP A 13 -7.55 -2.39 -3.36
C TRP A 13 -6.59 -1.59 -4.23
N PHE A 14 -7.15 -0.79 -5.13
CA PHE A 14 -6.33 0.03 -6.03
C PHE A 14 -5.31 0.84 -5.24
N ASP A 15 -5.80 1.66 -4.32
CA ASP A 15 -4.92 2.49 -3.50
C ASP A 15 -3.91 1.64 -2.74
N ILE A 16 -4.35 0.47 -2.28
CA ILE A 16 -3.47 -0.43 -1.55
C ILE A 16 -2.40 -1.02 -2.46
N THR A 17 -2.71 -1.13 -3.74
CA THR A 17 -1.77 -1.67 -4.72
C THR A 17 -0.45 -0.91 -4.68
N ASN A 18 -0.53 0.41 -4.73
CA ASN A 18 0.67 1.25 -4.70
C ASN A 18 1.21 1.39 -3.27
N TRP A 19 0.30 1.29 -2.31
CA TRP A 19 0.69 1.40 -0.90
C TRP A 19 1.79 0.41 -0.55
N LEU A 20 1.57 -0.86 -0.91
CA LEU A 20 2.55 -1.91 -0.64
C LEU A 20 3.88 -1.60 -1.33
N TRP A 21 3.82 -0.88 -2.43
CA TRP A 21 5.01 -0.52 -3.19
C TRP A 21 5.71 0.68 -2.56
N TYR A 22 4.93 1.55 -1.93
CA TYR A 22 5.47 2.74 -1.30
C TYR A 22 6.11 2.40 0.05
N ILE A 23 5.46 1.50 0.79
CA ILE A 23 5.97 1.09 2.09
C ILE A 23 7.31 0.38 1.96
N LYS A 24 7.56 -0.20 0.79
CA LYS A 24 8.81 -0.91 0.54
C LYS A 24 9.95 0.08 0.33
N LEU A 25 9.79 0.95 -0.66
CA LEU A 25 10.81 1.95 -0.96
C LEU A 25 11.02 2.90 0.21
N PHE A 26 9.91 3.27 0.86
CA PHE A 26 9.97 4.17 2.01
C PHE A 26 10.98 3.69 3.04
N ILE A 27 10.73 2.50 3.60
CA ILE A 27 11.62 1.92 4.59
C ILE A 27 13.04 1.80 4.06
N MET A 28 13.15 1.51 2.77
CA MET A 28 14.46 1.37 2.14
C MET A 28 15.24 2.68 2.17
N ILE A 29 14.52 3.80 2.02
CA ILE A 29 15.14 5.10 2.04
C ILE A 29 15.40 5.57 3.48
N VAL A 30 14.48 5.24 4.37
CA VAL A 30 14.61 5.61 5.77
C VAL A 30 15.85 4.99 6.40
N GLY A 31 16.07 3.71 6.13
CA GLY A 31 17.23 3.02 6.67
C GLY A 31 18.53 3.71 6.31
N LYS A 32 18.58 4.29 5.12
CA LYS A 32 19.78 4.99 4.65
C LYS A 32 20.06 6.22 5.51
N LYS A 33 19.07 7.12 5.59
CA LYS A 33 19.22 8.33 6.37
C LYS A 33 19.62 8.02 7.81
N LYS A 34 19.04 6.96 8.36
CA LYS A 34 19.35 6.55 9.73
C LYS A 34 20.83 6.26 9.89
N LYS A 35 21.48 5.87 8.80
CA LYS A 35 22.90 5.56 8.81
C LYS A 35 23.22 4.49 9.86
N LYS A 36 22.79 3.27 9.59
CA LYS A 36 23.04 2.15 10.51
C LYS A 36 22.44 2.44 11.88
N LYS A 1 -32.17 -3.77 2.28
CA LYS A 1 -31.28 -2.91 3.04
C LYS A 1 -29.91 -2.82 2.36
N LYS A 2 -29.62 -1.65 1.78
CA LYS A 2 -28.34 -1.44 1.10
C LYS A 2 -28.20 -2.37 -0.09
N LYS A 3 -27.26 -2.06 -0.98
CA LYS A 3 -27.02 -2.87 -2.17
C LYS A 3 -25.55 -3.29 -2.25
N LYS A 4 -24.69 -2.33 -2.58
CA LYS A 4 -23.27 -2.59 -2.69
C LYS A 4 -22.99 -3.68 -3.72
N ASP A 5 -21.72 -4.03 -3.88
CA ASP A 5 -21.33 -5.07 -4.83
C ASP A 5 -20.02 -5.74 -4.40
N LYS A 6 -19.63 -6.77 -5.14
CA LYS A 6 -18.41 -7.51 -4.83
C LYS A 6 -17.18 -6.77 -5.36
N TRP A 7 -17.25 -6.35 -6.61
CA TRP A 7 -16.15 -5.64 -7.24
C TRP A 7 -15.88 -4.32 -6.52
N ALA A 8 -16.91 -3.77 -5.88
CA ALA A 8 -16.78 -2.52 -5.15
C ALA A 8 -15.61 -2.57 -4.18
N SER A 9 -15.56 -3.62 -3.36
CA SER A 9 -14.50 -3.78 -2.37
C SER A 9 -13.14 -3.86 -3.06
N LEU A 10 -13.08 -4.56 -4.19
CA LEU A 10 -11.84 -4.71 -4.93
C LEU A 10 -11.23 -3.34 -5.26
N TRP A 11 -12.10 -2.35 -5.47
CA TRP A 11 -11.66 -1.01 -5.80
C TRP A 11 -10.68 -0.50 -4.74
N ASN A 12 -10.96 -0.80 -3.49
CA ASN A 12 -10.10 -0.37 -2.38
C ASN A 12 -8.68 -0.91 -2.55
N TRP A 13 -8.57 -2.10 -3.11
CA TRP A 13 -7.28 -2.72 -3.34
C TRP A 13 -6.39 -1.85 -4.20
N PHE A 14 -7.02 -0.96 -4.97
CA PHE A 14 -6.29 -0.07 -5.86
C PHE A 14 -5.18 0.68 -5.10
N ASP A 15 -5.58 1.40 -4.06
CA ASP A 15 -4.62 2.15 -3.25
C ASP A 15 -3.54 1.23 -2.69
N ILE A 16 -3.94 0.02 -2.30
CA ILE A 16 -3.01 -0.95 -1.75
C ILE A 16 -2.03 -1.45 -2.81
N THR A 17 -2.47 -1.44 -4.06
CA THR A 17 -1.64 -1.87 -5.18
C THR A 17 -0.32 -1.13 -5.20
N ASN A 18 -0.38 0.19 -5.10
CA ASN A 18 0.82 1.02 -5.10
C ASN A 18 1.44 1.09 -3.71
N TRP A 19 0.60 0.93 -2.69
CA TRP A 19 1.06 0.98 -1.31
C TRP A 19 2.23 0.03 -1.08
N LEU A 20 2.10 -1.19 -1.61
CA LEU A 20 3.15 -2.19 -1.47
C LEU A 20 4.46 -1.70 -2.09
N TRP A 21 4.35 -0.82 -3.08
CA TRP A 21 5.52 -0.28 -3.75
C TRP A 21 6.12 0.87 -2.95
N TYR A 22 5.27 1.57 -2.20
CA TYR A 22 5.73 2.69 -1.39
C TYR A 22 6.40 2.21 -0.11
N ILE A 23 5.85 1.16 0.48
CA ILE A 23 6.39 0.60 1.71
C ILE A 23 7.80 0.05 1.48
N LYS A 24 8.10 -0.31 0.24
CA LYS A 24 9.40 -0.85 -0.11
C LYS A 24 10.46 0.25 -0.12
N LEU A 25 10.22 1.28 -0.94
CA LEU A 25 11.15 2.40 -1.05
C LEU A 25 11.20 3.19 0.26
N PHE A 26 10.05 3.33 0.91
CA PHE A 26 9.96 4.05 2.16
C PHE A 26 10.98 3.54 3.17
N ILE A 27 10.87 2.26 3.52
CA ILE A 27 11.79 1.64 4.47
C ILE A 27 13.22 1.72 3.98
N MET A 28 13.40 1.73 2.66
CA MET A 28 14.72 1.80 2.05
C MET A 28 15.35 3.18 2.29
N ILE A 29 14.52 4.21 2.22
CA ILE A 29 14.98 5.58 2.42
C ILE A 29 15.16 5.89 3.91
N VAL A 30 14.28 5.32 4.73
CA VAL A 30 14.34 5.53 6.17
C VAL A 30 15.67 5.03 6.75
N GLY A 31 16.05 3.81 6.36
CA GLY A 31 17.30 3.24 6.84
C GLY A 31 18.49 4.11 6.54
N LYS A 32 18.64 4.51 5.27
CA LYS A 32 19.74 5.36 4.85
C LYS A 32 19.82 6.61 5.71
N LYS A 33 18.68 7.24 5.94
CA LYS A 33 18.62 8.46 6.74
C LYS A 33 18.92 8.15 8.21
N LYS A 34 18.53 6.97 8.65
CA LYS A 34 18.77 6.55 10.04
C LYS A 34 20.26 6.46 10.33
N LYS A 35 21.05 6.16 9.30
CA LYS A 35 22.49 6.05 9.44
C LYS A 35 22.85 5.05 10.55
N LYS A 36 22.03 4.02 10.70
CA LYS A 36 22.26 3.00 11.71
C LYS A 36 23.63 2.35 11.54
N LYS A 1 -22.20 -3.66 7.44
CA LYS A 1 -21.25 -3.59 6.35
C LYS A 1 -21.79 -4.32 5.11
N LYS A 2 -22.00 -5.61 5.26
CA LYS A 2 -22.51 -6.43 4.16
C LYS A 2 -21.57 -6.37 2.96
N LYS A 3 -21.99 -6.99 1.86
CA LYS A 3 -21.19 -7.02 0.64
C LYS A 3 -22.08 -6.94 -0.60
N LYS A 4 -22.79 -5.83 -0.74
CA LYS A 4 -23.67 -5.63 -1.88
C LYS A 4 -22.94 -5.86 -3.19
N ASP A 5 -21.94 -5.01 -3.46
CA ASP A 5 -21.15 -5.12 -4.67
C ASP A 5 -19.78 -5.72 -4.38
N LYS A 6 -19.41 -6.73 -5.17
CA LYS A 6 -18.13 -7.40 -4.99
C LYS A 6 -17.00 -6.60 -5.66
N TRP A 7 -17.35 -5.86 -6.70
CA TRP A 7 -16.37 -5.06 -7.43
C TRP A 7 -15.75 -4.00 -6.51
N ALA A 8 -16.53 -3.55 -5.54
CA ALA A 8 -16.06 -2.54 -4.59
C ALA A 8 -14.73 -2.96 -3.96
N SER A 9 -14.63 -4.23 -3.59
CA SER A 9 -13.42 -4.75 -2.96
C SER A 9 -12.22 -4.60 -3.89
N LEU A 10 -12.44 -4.84 -5.18
CA LEU A 10 -11.38 -4.72 -6.18
C LEU A 10 -10.92 -3.28 -6.31
N TRP A 11 -11.87 -2.36 -6.44
CA TRP A 11 -11.55 -0.95 -6.58
C TRP A 11 -10.73 -0.46 -5.39
N ASN A 12 -11.14 -0.86 -4.19
CA ASN A 12 -10.44 -0.46 -2.97
C ASN A 12 -8.99 -0.97 -2.98
N TRP A 13 -8.80 -2.15 -3.56
CA TRP A 13 -7.47 -2.75 -3.63
C TRP A 13 -6.50 -1.83 -4.38
N PHE A 14 -7.04 -0.93 -5.19
CA PHE A 14 -6.23 0.00 -5.95
C PHE A 14 -5.24 0.73 -5.04
N ASP A 15 -5.77 1.42 -4.03
CA ASP A 15 -4.95 2.16 -3.09
C ASP A 15 -3.93 1.24 -2.42
N ILE A 16 -4.35 0.02 -2.12
CA ILE A 16 -3.46 -0.96 -1.49
C ILE A 16 -2.36 -1.40 -2.44
N THR A 17 -2.64 -1.36 -3.74
CA THR A 17 -1.67 -1.75 -4.74
C THR A 17 -0.36 -0.99 -4.58
N ASN A 18 -0.46 0.34 -4.51
CA ASN A 18 0.71 1.18 -4.36
C ASN A 18 1.17 1.22 -2.90
N TRP A 19 0.22 1.00 -1.98
CA TRP A 19 0.52 1.01 -0.56
C TRP A 19 1.69 0.09 -0.24
N LEU A 20 1.65 -1.12 -0.79
CA LEU A 20 2.71 -2.10 -0.57
C LEU A 20 4.00 -1.66 -1.25
N TRP A 21 3.87 -0.87 -2.31
CA TRP A 21 5.03 -0.39 -3.06
C TRP A 21 5.68 0.79 -2.34
N TYR A 22 4.88 1.51 -1.56
CA TYR A 22 5.38 2.66 -0.82
C TYR A 22 6.12 2.23 0.44
N ILE A 23 5.54 1.27 1.16
CA ILE A 23 6.14 0.76 2.38
C ILE A 23 7.51 0.16 2.12
N LYS A 24 7.73 -0.29 0.88
CA LYS A 24 9.01 -0.87 0.50
C LYS A 24 10.07 0.20 0.28
N LEU A 25 9.79 1.12 -0.64
CA LEU A 25 10.72 2.20 -0.93
C LEU A 25 10.93 3.09 0.29
N PHE A 26 9.87 3.30 1.05
CA PHE A 26 9.94 4.14 2.24
C PHE A 26 11.06 3.67 3.17
N ILE A 27 10.95 2.43 3.64
CA ILE A 27 11.96 1.85 4.53
C ILE A 27 13.34 1.90 3.89
N MET A 28 13.39 1.68 2.58
CA MET A 28 14.65 1.70 1.85
C MET A 28 15.31 3.08 1.94
N ILE A 29 14.50 4.12 1.87
CA ILE A 29 15.00 5.48 1.94
C ILE A 29 15.32 5.88 3.38
N VAL A 30 14.52 5.36 4.31
CA VAL A 30 14.71 5.66 5.73
C VAL A 30 16.06 5.13 6.23
N GLY A 31 16.38 3.90 5.85
CA GLY A 31 17.63 3.30 6.27
C GLY A 31 18.83 4.14 5.86
N LYS A 32 18.75 4.76 4.68
CA LYS A 32 19.83 5.58 4.18
C LYS A 32 20.09 6.77 5.10
N LYS A 33 19.04 7.25 5.75
CA LYS A 33 19.14 8.38 6.67
C LYS A 33 19.59 7.91 8.05
N LYS A 34 18.92 6.89 8.57
CA LYS A 34 19.25 6.35 9.88
C LYS A 34 20.70 5.86 9.93
N LYS A 35 21.13 5.21 8.85
CA LYS A 35 22.48 4.70 8.77
C LYS A 35 22.78 3.74 9.93
N LYS A 36 21.79 2.94 10.29
CA LYS A 36 21.95 1.99 11.39
C LYS A 36 21.58 0.58 10.93
N LYS A 1 -30.51 -11.57 -2.22
CA LYS A 1 -29.74 -11.77 -0.99
C LYS A 1 -28.36 -12.34 -1.30
N LYS A 2 -27.37 -11.95 -0.51
CA LYS A 2 -26.01 -12.43 -0.70
C LYS A 2 -25.46 -11.99 -2.05
N LYS A 3 -25.13 -10.69 -2.15
CA LYS A 3 -24.59 -10.14 -3.39
C LYS A 3 -23.23 -9.49 -3.15
N LYS A 4 -22.18 -10.29 -3.22
CA LYS A 4 -20.83 -9.80 -3.01
C LYS A 4 -20.47 -8.71 -4.03
N ASP A 5 -20.11 -7.54 -3.53
CA ASP A 5 -19.75 -6.42 -4.38
C ASP A 5 -18.26 -6.47 -4.75
N LYS A 6 -17.88 -7.50 -5.49
CA LYS A 6 -16.49 -7.67 -5.91
C LYS A 6 -15.97 -6.39 -6.59
N TRP A 7 -16.74 -5.87 -7.53
CA TRP A 7 -16.36 -4.66 -8.25
C TRP A 7 -16.12 -3.51 -7.28
N ALA A 8 -16.80 -3.55 -6.14
CA ALA A 8 -16.66 -2.51 -5.13
C ALA A 8 -15.43 -2.76 -4.25
N SER A 9 -15.22 -4.02 -3.89
CA SER A 9 -14.09 -4.39 -3.05
C SER A 9 -12.77 -4.13 -3.77
N LEU A 10 -12.70 -4.51 -5.04
CA LEU A 10 -11.51 -4.32 -5.84
C LEU A 10 -11.13 -2.84 -5.91
N TRP A 11 -12.14 -1.98 -5.91
CA TRP A 11 -11.93 -0.54 -5.98
C TRP A 11 -11.09 -0.06 -4.80
N ASN A 12 -11.21 -0.76 -3.68
CA ASN A 12 -10.48 -0.41 -2.46
C ASN A 12 -9.05 -0.95 -2.53
N TRP A 13 -8.89 -2.13 -3.10
CA TRP A 13 -7.58 -2.76 -3.22
C TRP A 13 -6.62 -1.87 -4.01
N PHE A 14 -7.18 -0.97 -4.81
CA PHE A 14 -6.38 -0.06 -5.62
C PHE A 14 -5.34 0.65 -4.76
N ASP A 15 -5.82 1.37 -3.74
CA ASP A 15 -4.93 2.10 -2.85
C ASP A 15 -3.90 1.17 -2.21
N ILE A 16 -4.34 -0.04 -1.88
CA ILE A 16 -3.45 -1.03 -1.26
C ILE A 16 -2.40 -1.51 -2.26
N THR A 17 -2.73 -1.48 -3.53
CA THR A 17 -1.81 -1.91 -4.59
C THR A 17 -0.49 -1.16 -4.49
N ASN A 18 -0.55 0.15 -4.43
CA ASN A 18 0.65 0.98 -4.34
C ASN A 18 1.16 1.03 -2.90
N TRP A 19 0.24 0.85 -1.95
CA TRP A 19 0.60 0.88 -0.53
C TRP A 19 1.76 -0.08 -0.24
N LEU A 20 1.69 -1.28 -0.80
CA LEU A 20 2.72 -2.28 -0.61
C LEU A 20 4.02 -1.86 -1.29
N TRP A 21 3.90 -1.04 -2.33
CA TRP A 21 5.06 -0.56 -3.06
C TRP A 21 5.72 0.61 -2.34
N TYR A 22 4.92 1.33 -1.55
CA TYR A 22 5.43 2.48 -0.81
C TYR A 22 6.18 2.03 0.44
N ILE A 23 5.63 1.03 1.12
CA ILE A 23 6.25 0.50 2.33
C ILE A 23 7.64 -0.08 2.04
N LYS A 24 7.84 -0.50 0.79
CA LYS A 24 9.12 -1.07 0.39
C LYS A 24 10.17 0.02 0.20
N LEU A 25 9.88 0.98 -0.67
CA LEU A 25 10.79 2.08 -0.94
C LEU A 25 10.99 2.94 0.31
N PHE A 26 9.92 3.13 1.07
CA PHE A 26 9.99 3.91 2.30
C PHE A 26 11.12 3.44 3.20
N ILE A 27 11.02 2.19 3.65
CA ILE A 27 12.04 1.62 4.52
C ILE A 27 13.42 1.72 3.89
N MET A 28 13.48 1.66 2.57
CA MET A 28 14.74 1.75 1.84
C MET A 28 15.35 3.14 1.99
N ILE A 29 14.51 4.16 1.89
CA ILE A 29 14.97 5.54 2.02
C ILE A 29 15.35 5.86 3.47
N VAL A 30 14.61 5.29 4.40
CA VAL A 30 14.85 5.51 5.82
C VAL A 30 16.22 4.98 6.23
N GLY A 31 16.54 3.76 5.78
CA GLY A 31 17.82 3.16 6.11
C GLY A 31 18.99 4.07 5.77
N LYS A 32 18.85 4.85 4.71
CA LYS A 32 19.89 5.77 4.29
C LYS A 32 19.97 6.97 5.21
N LYS A 33 18.82 7.62 5.45
CA LYS A 33 18.76 8.79 6.31
C LYS A 33 19.25 8.45 7.72
N LYS A 34 18.80 7.30 8.23
CA LYS A 34 19.18 6.85 9.56
C LYS A 34 20.70 6.84 9.72
N LYS A 35 21.40 6.62 8.61
CA LYS A 35 22.86 6.59 8.63
C LYS A 35 23.43 7.94 9.02
N LYS A 36 24.72 7.97 9.32
CA LYS A 36 25.39 9.21 9.70
C LYS A 36 25.87 9.97 8.47
N LYS A 1 -28.78 1.22 2.11
CA LYS A 1 -28.87 0.00 1.29
C LYS A 1 -28.15 0.20 -0.03
N LYS A 2 -26.82 0.16 0.00
CA LYS A 2 -26.02 0.33 -1.20
C LYS A 2 -24.88 -0.70 -1.23
N LYS A 3 -24.83 -1.48 -2.30
CA LYS A 3 -23.78 -2.49 -2.45
C LYS A 3 -22.67 -1.99 -3.37
N LYS A 4 -23.02 -1.11 -4.29
CA LYS A 4 -22.05 -0.55 -5.23
C LYS A 4 -21.35 -1.65 -6.02
N ASP A 5 -22.06 -2.76 -6.22
CA ASP A 5 -21.51 -3.88 -6.97
C ASP A 5 -20.30 -4.47 -6.25
N LYS A 6 -19.90 -5.67 -6.66
CA LYS A 6 -18.76 -6.35 -6.05
C LYS A 6 -17.47 -5.58 -6.33
N TRP A 7 -17.45 -4.85 -7.43
CA TRP A 7 -16.27 -4.06 -7.81
C TRP A 7 -15.84 -3.15 -6.66
N ALA A 8 -16.79 -2.75 -5.84
CA ALA A 8 -16.51 -1.88 -4.70
C ALA A 8 -15.50 -2.52 -3.76
N SER A 9 -15.50 -3.85 -3.71
CA SER A 9 -14.58 -4.58 -2.84
C SER A 9 -13.17 -4.61 -3.43
N LEU A 10 -13.09 -4.87 -4.74
CA LEU A 10 -11.81 -4.91 -5.43
C LEU A 10 -11.20 -3.52 -5.56
N TRP A 11 -12.07 -2.52 -5.63
CA TRP A 11 -11.63 -1.14 -5.75
C TRP A 11 -10.69 -0.76 -4.61
N ASN A 12 -10.97 -1.28 -3.42
CA ASN A 12 -10.16 -1.00 -2.24
C ASN A 12 -8.72 -1.47 -2.45
N TRP A 13 -8.57 -2.57 -3.20
CA TRP A 13 -7.25 -3.13 -3.47
C TRP A 13 -6.36 -2.10 -4.17
N PHE A 14 -6.98 -1.11 -4.80
CA PHE A 14 -6.23 -0.07 -5.49
C PHE A 14 -5.18 0.54 -4.59
N ASP A 15 -5.61 1.08 -3.46
CA ASP A 15 -4.70 1.71 -2.50
C ASP A 15 -3.62 0.72 -2.06
N ILE A 16 -4.02 -0.53 -1.89
CA ILE A 16 -3.08 -1.57 -1.47
C ILE A 16 -2.06 -1.86 -2.56
N THR A 17 -2.46 -1.66 -3.82
CA THR A 17 -1.58 -1.90 -4.95
C THR A 17 -0.27 -1.14 -4.80
N ASN A 18 -0.37 0.17 -4.66
CA ASN A 18 0.82 1.01 -4.51
C ASN A 18 1.39 0.91 -3.10
N TRP A 19 0.51 0.59 -2.14
CA TRP A 19 0.92 0.45 -0.75
C TRP A 19 2.12 -0.48 -0.62
N LEU A 20 2.06 -1.61 -1.30
CA LEU A 20 3.13 -2.59 -1.27
C LEU A 20 4.41 -2.03 -1.89
N TRP A 21 4.23 -1.10 -2.82
CA TRP A 21 5.37 -0.48 -3.50
C TRP A 21 5.96 0.64 -2.65
N TYR A 22 5.12 1.27 -1.84
CA TYR A 22 5.56 2.36 -0.98
C TYR A 22 6.32 1.83 0.23
N ILE A 23 5.82 0.73 0.80
CA ILE A 23 6.45 0.12 1.96
C ILE A 23 7.88 -0.32 1.65
N LYS A 24 8.14 -0.58 0.37
CA LYS A 24 9.47 -1.01 -0.06
C LYS A 24 10.43 0.17 -0.11
N LEU A 25 10.09 1.18 -0.91
CA LEU A 25 10.92 2.37 -1.05
C LEU A 25 11.04 3.10 0.29
N PHE A 26 9.94 3.14 1.03
CA PHE A 26 9.93 3.80 2.33
C PHE A 26 11.08 3.32 3.20
N ILE A 27 11.06 2.03 3.54
CA ILE A 27 12.10 1.43 4.37
C ILE A 27 13.49 1.70 3.79
N MET A 28 13.57 1.74 2.46
CA MET A 28 14.84 1.98 1.78
C MET A 28 15.35 3.39 2.06
N ILE A 29 14.42 4.34 2.11
CA ILE A 29 14.78 5.73 2.38
C ILE A 29 15.08 5.95 3.86
N VAL A 30 14.29 5.31 4.71
CA VAL A 30 14.47 5.42 6.16
C VAL A 30 15.90 5.09 6.56
N GLY A 31 16.43 4.01 5.99
CA GLY A 31 17.79 3.60 6.31
C GLY A 31 18.80 4.69 6.04
N LYS A 32 18.73 5.27 4.85
CA LYS A 32 19.65 6.33 4.45
C LYS A 32 19.64 7.47 5.47
N LYS A 33 18.45 7.95 5.80
CA LYS A 33 18.30 9.03 6.77
C LYS A 33 18.90 8.64 8.12
N LYS A 34 18.72 7.37 8.49
CA LYS A 34 19.24 6.87 9.75
C LYS A 34 20.76 6.85 9.75
N LYS A 35 21.35 6.67 8.57
CA LYS A 35 22.80 6.63 8.42
C LYS A 35 23.38 8.04 8.47
N LYS A 36 24.69 8.13 8.69
CA LYS A 36 25.38 9.41 8.76
C LYS A 36 26.28 9.60 7.55
N LYS A 1 -34.10 -0.56 -7.42
CA LYS A 1 -33.48 -1.88 -7.43
C LYS A 1 -31.99 -1.78 -7.77
N LYS A 2 -31.14 -2.19 -6.83
CA LYS A 2 -29.70 -2.15 -7.04
C LYS A 2 -29.03 -3.36 -6.41
N LYS A 3 -28.47 -4.23 -7.24
CA LYS A 3 -27.80 -5.43 -6.76
C LYS A 3 -26.33 -5.14 -6.48
N LYS A 4 -25.96 -5.17 -5.21
CA LYS A 4 -24.58 -4.92 -4.81
C LYS A 4 -23.62 -5.90 -5.48
N ASP A 5 -22.34 -5.57 -5.47
CA ASP A 5 -21.33 -6.43 -6.07
C ASP A 5 -20.04 -6.43 -5.25
N LYS A 6 -19.37 -7.57 -5.21
CA LYS A 6 -18.13 -7.70 -4.45
C LYS A 6 -17.02 -6.87 -5.09
N TRP A 7 -17.11 -6.65 -6.40
CA TRP A 7 -16.12 -5.88 -7.12
C TRP A 7 -15.90 -4.52 -6.46
N ALA A 8 -16.94 -3.99 -5.83
CA ALA A 8 -16.86 -2.71 -5.15
C ALA A 8 -15.68 -2.68 -4.19
N SER A 9 -15.50 -3.76 -3.43
CA SER A 9 -14.41 -3.85 -2.46
C SER A 9 -13.07 -4.03 -3.18
N LEU A 10 -13.11 -4.59 -4.38
CA LEU A 10 -11.90 -4.82 -5.16
C LEU A 10 -11.30 -3.49 -5.62
N TRP A 11 -12.16 -2.57 -6.03
CA TRP A 11 -11.72 -1.26 -6.50
C TRP A 11 -10.85 -0.58 -5.44
N ASN A 12 -11.10 -0.89 -4.18
CA ASN A 12 -10.34 -0.31 -3.08
C ASN A 12 -8.89 -0.79 -3.10
N TRP A 13 -8.68 -1.99 -3.63
CA TRP A 13 -7.35 -2.57 -3.72
C TRP A 13 -6.41 -1.67 -4.52
N PHE A 14 -6.99 -0.82 -5.36
CA PHE A 14 -6.22 0.08 -6.19
C PHE A 14 -5.22 0.87 -5.34
N ASP A 15 -5.74 1.60 -4.36
CA ASP A 15 -4.90 2.40 -3.48
C ASP A 15 -3.85 1.53 -2.79
N ILE A 16 -4.23 0.32 -2.42
CA ILE A 16 -3.33 -0.62 -1.76
C ILE A 16 -2.23 -1.08 -2.72
N THR A 17 -2.55 -1.11 -4.01
CA THR A 17 -1.59 -1.54 -5.03
C THR A 17 -0.30 -0.75 -4.93
N ASN A 18 -0.42 0.55 -4.69
CA ASN A 18 0.74 1.43 -4.57
C ASN A 18 1.30 1.40 -3.16
N TRP A 19 0.44 1.11 -2.19
CA TRP A 19 0.85 1.05 -0.79
C TRP A 19 2.04 0.12 -0.62
N LEU A 20 1.87 -1.14 -0.98
CA LEU A 20 2.94 -2.13 -0.86
C LEU A 20 4.19 -1.67 -1.60
N TRP A 21 4.00 -0.83 -2.62
CA TRP A 21 5.11 -0.31 -3.40
C TRP A 21 5.78 0.86 -2.69
N TYR A 22 5.02 1.56 -1.86
CA TYR A 22 5.55 2.70 -1.12
C TYR A 22 6.29 2.24 0.14
N ILE A 23 5.71 1.26 0.83
CA ILE A 23 6.31 0.73 2.05
C ILE A 23 7.68 0.12 1.76
N LYS A 24 7.87 -0.35 0.53
CA LYS A 24 9.13 -0.97 0.14
C LYS A 24 10.24 0.09 0.02
N LEU A 25 10.01 1.09 -0.82
CA LEU A 25 10.98 2.16 -1.02
C LEU A 25 11.15 2.98 0.25
N PHE A 26 10.05 3.19 0.96
CA PHE A 26 10.07 3.97 2.19
C PHE A 26 11.13 3.43 3.15
N ILE A 27 10.98 2.17 3.54
CA ILE A 27 11.93 1.54 4.46
C ILE A 27 13.34 1.54 3.87
N MET A 28 13.43 1.53 2.55
CA MET A 28 14.71 1.54 1.87
C MET A 28 15.41 2.89 2.04
N ILE A 29 14.62 3.95 2.08
CA ILE A 29 15.14 5.30 2.22
C ILE A 29 15.44 5.61 3.68
N VAL A 30 14.57 5.15 4.58
CA VAL A 30 14.74 5.38 6.01
C VAL A 30 16.10 4.89 6.48
N GLY A 31 16.48 3.70 6.03
CA GLY A 31 17.76 3.14 6.42
C GLY A 31 18.91 4.09 6.17
N LYS A 32 18.79 4.92 5.14
CA LYS A 32 19.82 5.88 4.80
C LYS A 32 19.91 6.99 5.84
N LYS A 33 18.77 7.62 6.13
CA LYS A 33 18.71 8.69 7.11
C LYS A 33 19.32 8.24 8.44
N LYS A 34 19.00 7.03 8.85
CA LYS A 34 19.51 6.48 10.10
C LYS A 34 21.05 6.38 10.07
N LYS A 35 21.58 6.10 8.90
CA LYS A 35 23.03 5.99 8.73
C LYS A 35 23.67 7.36 8.57
N LYS A 36 24.10 7.94 9.69
CA LYS A 36 24.73 9.26 9.68
C LYS A 36 23.81 10.30 9.05
N LYS A 1 -13.95 -5.39 8.67
CA LYS A 1 -12.99 -4.67 7.83
C LYS A 1 -13.72 -3.88 6.74
N LYS A 2 -14.93 -3.41 7.06
CA LYS A 2 -15.72 -2.64 6.12
C LYS A 2 -15.96 -3.42 4.84
N LYS A 3 -16.49 -4.64 4.98
CA LYS A 3 -16.77 -5.50 3.84
C LYS A 3 -18.24 -5.41 3.45
N LYS A 4 -18.73 -4.18 3.27
CA LYS A 4 -20.12 -3.96 2.89
C LYS A 4 -20.39 -4.51 1.49
N ASP A 5 -19.45 -4.32 0.59
CA ASP A 5 -19.58 -4.80 -0.78
C ASP A 5 -18.30 -5.47 -1.26
N LYS A 6 -18.44 -6.65 -1.86
CA LYS A 6 -17.31 -7.40 -2.36
C LYS A 6 -16.67 -6.70 -3.56
N TRP A 7 -17.51 -6.24 -4.48
CA TRP A 7 -17.04 -5.56 -5.68
C TRP A 7 -16.36 -4.23 -5.31
N ALA A 8 -16.78 -3.66 -4.18
CA ALA A 8 -16.22 -2.40 -3.72
C ALA A 8 -14.74 -2.55 -3.39
N SER A 9 -14.40 -3.60 -2.65
CA SER A 9 -13.02 -3.85 -2.25
C SER A 9 -12.11 -3.94 -3.47
N LEU A 10 -12.66 -4.44 -4.57
CA LEU A 10 -11.90 -4.57 -5.82
C LEU A 10 -11.31 -3.25 -6.25
N TRP A 11 -12.17 -2.24 -6.39
CA TRP A 11 -11.72 -0.90 -6.80
C TRP A 11 -10.80 -0.30 -5.74
N ASN A 12 -10.98 -0.73 -4.50
CA ASN A 12 -10.16 -0.22 -3.40
C ASN A 12 -8.73 -0.77 -3.49
N TRP A 13 -8.58 -1.94 -4.10
CA TRP A 13 -7.28 -2.57 -4.25
C TRP A 13 -6.33 -1.66 -5.02
N PHE A 14 -6.89 -0.73 -5.79
CA PHE A 14 -6.09 0.20 -6.57
C PHE A 14 -5.04 0.88 -5.70
N ASP A 15 -5.50 1.57 -4.66
CA ASP A 15 -4.60 2.26 -3.75
C ASP A 15 -3.58 1.31 -3.15
N ILE A 16 -4.01 0.09 -2.85
CA ILE A 16 -3.13 -0.92 -2.28
C ILE A 16 -2.08 -1.37 -3.29
N THR A 17 -2.43 -1.29 -4.57
CA THR A 17 -1.52 -1.70 -5.63
C THR A 17 -0.19 -0.98 -5.52
N ASN A 18 -0.25 0.35 -5.43
CA ASN A 18 0.95 1.17 -5.32
C ASN A 18 1.48 1.17 -3.89
N TRP A 19 0.58 0.96 -2.93
CA TRP A 19 0.95 0.94 -1.52
C TRP A 19 2.09 -0.03 -1.27
N LEU A 20 1.98 -1.23 -1.82
CA LEU A 20 3.02 -2.25 -1.67
C LEU A 20 4.33 -1.78 -2.28
N TRP A 21 4.25 -0.89 -3.25
CA TRP A 21 5.43 -0.36 -3.91
C TRP A 21 6.06 0.76 -3.10
N TYR A 22 5.23 1.45 -2.31
CA TYR A 22 5.70 2.55 -1.48
C TYR A 22 6.37 2.03 -0.20
N ILE A 23 5.78 0.98 0.37
CA ILE A 23 6.32 0.39 1.59
C ILE A 23 7.74 -0.14 1.37
N LYS A 24 8.05 -0.47 0.12
CA LYS A 24 9.37 -0.99 -0.23
C LYS A 24 10.40 0.14 -0.25
N LEU A 25 10.16 1.13 -1.10
CA LEU A 25 11.07 2.27 -1.22
C LEU A 25 11.15 3.04 0.09
N PHE A 26 10.02 3.14 0.78
CA PHE A 26 9.97 3.85 2.06
C PHE A 26 11.05 3.35 3.01
N ILE A 27 10.98 2.08 3.36
CA ILE A 27 11.95 1.47 4.26
C ILE A 27 13.37 1.67 3.76
N MET A 28 13.55 1.53 2.44
CA MET A 28 14.86 1.70 1.84
C MET A 28 15.41 3.10 2.11
N ILE A 29 14.52 4.08 2.15
CA ILE A 29 14.92 5.46 2.41
C ILE A 29 15.08 5.72 3.90
N VAL A 30 14.20 5.11 4.70
CA VAL A 30 14.23 5.27 6.14
C VAL A 30 15.54 4.77 6.72
N GLY A 31 16.00 3.61 6.23
CA GLY A 31 17.25 3.04 6.71
C GLY A 31 18.41 4.01 6.60
N LYS A 32 18.33 4.91 5.63
CA LYS A 32 19.38 5.89 5.41
C LYS A 32 19.29 7.02 6.44
N LYS A 33 18.08 7.48 6.71
CA LYS A 33 17.86 8.55 7.67
C LYS A 33 18.12 8.07 9.09
N LYS A 34 17.71 6.83 9.38
CA LYS A 34 17.90 6.25 10.70
C LYS A 34 19.38 6.27 11.08
N LYS A 35 20.24 5.91 10.13
CA LYS A 35 21.68 5.89 10.38
C LYS A 35 22.02 5.02 11.58
N LYS A 36 21.64 3.74 11.50
CA LYS A 36 21.90 2.80 12.59
C LYS A 36 22.04 1.39 12.05
N LYS A 1 -16.82 -8.54 7.28
CA LYS A 1 -18.07 -9.21 7.63
C LYS A 1 -19.03 -9.22 6.43
N LYS A 2 -19.42 -8.04 5.99
CA LYS A 2 -20.33 -7.92 4.86
C LYS A 2 -19.56 -7.75 3.55
N LYS A 3 -19.94 -8.54 2.54
CA LYS A 3 -19.29 -8.48 1.23
C LYS A 3 -20.13 -7.69 0.24
N LYS A 4 -20.81 -6.66 0.73
CA LYS A 4 -21.65 -5.82 -0.13
C LYS A 4 -20.82 -5.17 -1.23
N ASP A 5 -21.39 -5.13 -2.43
CA ASP A 5 -20.70 -4.52 -3.58
C ASP A 5 -19.34 -5.18 -3.81
N LYS A 6 -19.32 -6.22 -4.63
CA LYS A 6 -18.08 -6.93 -4.93
C LYS A 6 -17.09 -6.02 -5.64
N TRP A 7 -17.62 -5.12 -6.45
CA TRP A 7 -16.77 -4.18 -7.20
C TRP A 7 -16.02 -3.25 -6.24
N ALA A 8 -16.75 -2.71 -5.26
CA ALA A 8 -16.15 -1.80 -4.29
C ALA A 8 -14.95 -2.44 -3.60
N SER A 9 -15.06 -3.74 -3.33
CA SER A 9 -13.99 -4.48 -2.66
C SER A 9 -12.75 -4.56 -3.56
N LEU A 10 -12.97 -4.89 -4.83
CA LEU A 10 -11.87 -4.99 -5.78
C LEU A 10 -11.24 -3.64 -6.04
N TRP A 11 -12.07 -2.60 -6.09
CA TRP A 11 -11.58 -1.24 -6.32
C TRP A 11 -10.66 -0.78 -5.20
N ASN A 12 -11.02 -1.14 -3.97
CA ASN A 12 -10.22 -0.77 -2.81
C ASN A 12 -8.78 -1.27 -2.94
N TRP A 13 -8.62 -2.40 -3.63
CA TRP A 13 -7.31 -2.98 -3.83
C TRP A 13 -6.38 -2.00 -4.54
N PHE A 14 -6.96 -1.04 -5.24
CA PHE A 14 -6.19 -0.04 -5.97
C PHE A 14 -5.15 0.61 -5.05
N ASP A 15 -5.64 1.22 -3.96
CA ASP A 15 -4.75 1.88 -3.01
C ASP A 15 -3.70 0.91 -2.48
N ILE A 16 -4.10 -0.34 -2.28
CA ILE A 16 -3.18 -1.36 -1.77
C ILE A 16 -2.13 -1.71 -2.82
N THR A 17 -2.49 -1.57 -4.08
CA THR A 17 -1.57 -1.86 -5.18
C THR A 17 -0.26 -1.11 -5.03
N ASN A 18 -0.36 0.21 -4.83
CA ASN A 18 0.82 1.05 -4.66
C ASN A 18 1.33 0.99 -3.23
N TRP A 19 0.43 0.70 -2.30
CA TRP A 19 0.80 0.61 -0.88
C TRP A 19 1.99 -0.34 -0.68
N LEU A 20 1.91 -1.51 -1.30
CA LEU A 20 2.97 -2.50 -1.19
C LEU A 20 4.26 -1.99 -1.83
N TRP A 21 4.12 -1.10 -2.79
CA TRP A 21 5.26 -0.52 -3.49
C TRP A 21 5.87 0.63 -2.68
N TYR A 22 5.05 1.26 -1.85
CA TYR A 22 5.50 2.37 -1.04
C TYR A 22 6.25 1.87 0.20
N ILE A 23 5.73 0.80 0.80
CA ILE A 23 6.35 0.22 1.99
C ILE A 23 7.77 -0.24 1.70
N LYS A 24 8.05 -0.53 0.43
CA LYS A 24 9.37 -0.98 0.01
C LYS A 24 10.35 0.19 -0.04
N LEU A 25 10.02 1.18 -0.86
CA LEU A 25 10.87 2.37 -1.00
C LEU A 25 10.98 3.12 0.31
N PHE A 26 9.88 3.17 1.06
CA PHE A 26 9.84 3.86 2.33
C PHE A 26 10.99 3.40 3.23
N ILE A 27 11.00 2.11 3.54
CA ILE A 27 12.04 1.54 4.39
C ILE A 27 13.43 1.76 3.79
N MET A 28 13.48 1.87 2.46
CA MET A 28 14.75 2.09 1.77
C MET A 28 15.26 3.50 2.01
N ILE A 29 14.34 4.46 2.06
CA ILE A 29 14.71 5.85 2.28
C ILE A 29 15.04 6.10 3.76
N VAL A 30 14.28 5.46 4.65
CA VAL A 30 14.49 5.61 6.08
C VAL A 30 15.88 5.13 6.49
N GLY A 31 16.27 3.97 5.98
CA GLY A 31 17.57 3.41 6.30
C GLY A 31 18.70 4.39 6.04
N LYS A 32 18.54 5.21 5.00
CA LYS A 32 19.54 6.20 4.64
C LYS A 32 19.67 7.27 5.72
N LYS A 33 18.54 7.76 6.22
CA LYS A 33 18.53 8.77 7.25
C LYS A 33 19.16 8.24 8.54
N LYS A 34 18.89 6.98 8.84
CA LYS A 34 19.43 6.34 10.04
C LYS A 34 20.95 6.46 10.08
N LYS A 35 21.57 6.42 8.90
CA LYS A 35 23.01 6.53 8.81
C LYS A 35 23.48 7.98 8.93
N LYS A 36 23.78 8.39 10.16
CA LYS A 36 24.24 9.75 10.41
C LYS A 36 25.70 9.92 10.02
#